data_3FBT
#
_entry.id   3FBT
#
_cell.length_a   65.132
_cell.length_b   135.336
_cell.length_c   67.140
_cell.angle_alpha   90.000
_cell.angle_beta   102.140
_cell.angle_gamma   90.000
#
_symmetry.space_group_name_H-M   'P 1 21 1'
#
loop_
_entity.id
_entity.type
_entity.pdbx_description
1 polymer 'chorismate mutase and shikimate 5-dehydrogenase fusion protein'
2 non-polymer 'SULFATE ION'
3 water water
#
_entity_poly.entity_id   1
_entity_poly.type   'polypeptide(L)'
_entity_poly.pdbx_seq_one_letter_code
;MSLNTSIYGLIGEKLGHSHSSYIHKLIFEKVGIKGIYNLFEVPKEKLKESVDTFKIIKCGGLNVTIPYKVEVMKELYEIS
EKARKIGAVNTLKFSREGISGFNTDYIGFGKMLSKFRVEIKNNICVVLGSGGAARAVLQYLKDNFAKDIYVVTRNPEKTS
EIYGEFKVISYDELSNLKGDVIINCTPKGMYPKEGESPVDKEVVAKFSSAVDLIYNPVETLFLKYARESGVKAVNGLYML
VSQAAASEEIWNDISIDEIIVDEIFEVLEEKIKSEGHHHHHH
;
_entity_poly.pdbx_strand_id   A,B,C,D
#
loop_
_chem_comp.id
_chem_comp.type
_chem_comp.name
_chem_comp.formula
SO4 non-polymer 'SULFATE ION' 'O4 S -2'
#
# COMPACT_ATOMS: atom_id res chain seq x y z
N LEU A 3 -29.23 2.60 -25.87
CA LEU A 3 -29.80 3.68 -26.82
C LEU A 3 -29.18 5.08 -26.56
N ASN A 4 -28.25 5.50 -27.41
CA ASN A 4 -27.66 6.85 -27.37
C ASN A 4 -28.66 8.03 -27.41
N THR A 5 -28.37 9.16 -26.73
CA THR A 5 -29.22 10.35 -26.88
C THR A 5 -28.63 11.13 -28.07
N SER A 6 -29.44 11.50 -29.04
CA SER A 6 -28.96 12.31 -30.14
C SER A 6 -28.45 13.67 -29.63
N ILE A 7 -27.25 14.08 -30.07
CA ILE A 7 -26.64 15.34 -29.65
C ILE A 7 -26.82 16.42 -30.76
N TYR A 8 -27.44 17.54 -30.45
CA TYR A 8 -27.61 18.61 -31.46
C TYR A 8 -27.02 19.83 -30.74
N GLY A 9 -26.88 20.95 -31.42
CA GLY A 9 -26.28 22.10 -30.78
C GLY A 9 -26.08 23.28 -31.70
N LEU A 10 -25.36 24.27 -31.20
CA LEU A 10 -25.01 25.47 -32.00
C LEU A 10 -23.50 25.59 -31.85
N ILE A 11 -22.82 25.77 -32.95
CA ILE A 11 -21.41 26.12 -32.77
C ILE A 11 -21.12 27.60 -33.17
N GLY A 12 -20.28 28.27 -32.37
CA GLY A 12 -19.85 29.62 -32.61
C GLY A 12 -18.53 29.79 -31.85
N GLU A 13 -17.87 30.92 -31.98
CA GLU A 13 -16.58 31.07 -31.30
C GLU A 13 -16.76 31.43 -29.84
N LYS A 14 -17.63 32.39 -29.55
CA LYS A 14 -18.03 32.65 -28.17
C LYS A 14 -19.55 32.74 -28.06
N LEU A 15 -20.19 31.97 -27.19
CA LEU A 15 -21.64 31.96 -27.18
C LEU A 15 -22.26 32.41 -25.83
N GLY A 16 -23.22 33.30 -25.88
CA GLY A 16 -23.95 33.69 -24.67
C GLY A 16 -25.24 32.92 -24.49
N HIS A 17 -25.98 33.29 -23.46
CA HIS A 17 -27.32 32.82 -23.26
C HIS A 17 -28.13 32.77 -24.53
N SER A 18 -29.07 31.83 -24.60
CA SER A 18 -29.88 31.78 -25.77
C SER A 18 -31.26 31.14 -25.68
N HIS A 19 -32.29 31.89 -26.08
CA HIS A 19 -33.62 31.33 -26.12
C HIS A 19 -33.81 30.17 -27.11
N SER A 20 -32.87 30.00 -28.05
CA SER A 20 -32.89 28.88 -29.02
C SER A 20 -32.79 27.52 -28.39
N SER A 21 -31.93 27.34 -27.40
CA SER A 21 -31.85 26.03 -26.79
C SER A 21 -33.17 25.63 -26.21
N TYR A 22 -33.81 26.56 -25.52
CA TYR A 22 -34.98 26.17 -24.77
C TYR A 22 -35.96 25.75 -25.83
N ILE A 23 -35.93 26.51 -26.94
CA ILE A 23 -36.80 26.21 -28.02
C ILE A 23 -36.61 24.81 -28.55
N HIS A 24 -35.38 24.42 -28.79
CA HIS A 24 -35.15 23.09 -29.31
C HIS A 24 -35.63 22.03 -28.35
N LYS A 25 -35.45 22.30 -27.07
CA LYS A 25 -35.79 21.25 -26.13
C LYS A 25 -37.32 21.07 -26.11
N LEU A 26 -38.08 22.15 -26.18
CA LEU A 26 -39.55 22.07 -26.35
C LEU A 26 -39.95 21.33 -27.60
N ILE A 27 -39.14 21.44 -28.65
CA ILE A 27 -39.53 20.79 -29.88
C ILE A 27 -39.33 19.29 -29.76
N PHE A 28 -38.23 18.88 -29.12
CA PHE A 28 -37.92 17.47 -28.86
C PHE A 28 -39.04 16.81 -28.04
N GLU A 29 -39.57 17.52 -27.06
CA GLU A 29 -40.67 16.92 -26.32
C GLU A 29 -41.91 16.79 -27.25
N LYS A 30 -42.28 17.89 -27.92
CA LYS A 30 -43.46 17.88 -28.78
C LYS A 30 -43.42 16.91 -29.94
N VAL A 31 -42.27 16.68 -30.55
CA VAL A 31 -42.26 15.73 -31.64
C VAL A 31 -41.78 14.36 -31.18
N GLY A 32 -41.54 14.20 -29.87
CA GLY A 32 -40.99 12.93 -29.32
C GLY A 32 -39.57 12.55 -29.78
N ILE A 33 -38.62 13.46 -29.66
CA ILE A 33 -37.26 13.13 -30.04
C ILE A 33 -36.49 13.05 -28.71
N LYS A 34 -35.68 12.01 -28.51
CA LYS A 34 -34.79 12.00 -27.31
C LYS A 34 -33.47 12.68 -27.70
N GLY A 35 -33.21 13.88 -27.18
CA GLY A 35 -32.17 14.72 -27.72
C GLY A 35 -31.79 15.77 -26.73
N ILE A 36 -30.61 16.35 -26.94
CA ILE A 36 -30.20 17.55 -26.21
C ILE A 36 -29.67 18.55 -27.23
N TYR A 37 -29.64 19.83 -26.85
CA TYR A 37 -29.16 20.90 -27.74
C TYR A 37 -28.26 21.76 -26.83
N ASN A 38 -26.98 21.76 -27.12
CA ASN A 38 -26.00 22.45 -26.37
C ASN A 38 -25.34 23.55 -27.21
N LEU A 39 -24.87 24.60 -26.51
CA LEU A 39 -24.03 25.60 -27.15
C LEU A 39 -22.60 25.12 -27.04
N PHE A 40 -21.90 25.03 -28.18
CA PHE A 40 -20.53 24.55 -28.25
C PHE A 40 -19.61 25.67 -28.66
N GLU A 41 -18.76 26.13 -27.75
CA GLU A 41 -17.72 27.06 -28.14
C GLU A 41 -16.51 26.44 -28.78
N VAL A 42 -16.15 26.90 -29.96
CA VAL A 42 -15.10 26.29 -30.77
C VAL A 42 -14.20 27.42 -31.27
N PRO A 43 -12.90 27.37 -30.89
CA PRO A 43 -11.96 28.41 -31.32
C PRO A 43 -11.70 28.28 -32.83
N LYS A 44 -11.34 29.40 -33.44
CA LYS A 44 -11.19 29.53 -34.90
C LYS A 44 -10.27 28.50 -35.48
N GLU A 45 -9.15 28.23 -34.82
CA GLU A 45 -8.20 27.33 -35.47
C GLU A 45 -8.65 25.88 -35.48
N LYS A 46 -9.72 25.58 -34.75
CA LYS A 46 -10.14 24.20 -34.62
C LYS A 46 -11.49 23.90 -35.25
N LEU A 47 -12.01 24.75 -36.12
CA LEU A 47 -13.37 24.46 -36.66
C LEU A 47 -13.35 23.12 -37.40
N LYS A 48 -12.29 22.87 -38.11
CA LYS A 48 -12.35 21.74 -38.99
C LYS A 48 -12.25 20.46 -38.22
N GLU A 49 -11.27 20.38 -37.33
CA GLU A 49 -11.19 19.22 -36.44
C GLU A 49 -12.47 18.97 -35.59
N SER A 50 -13.11 20.00 -35.01
CA SER A 50 -14.34 19.72 -34.27
C SER A 50 -15.47 19.19 -35.12
N VAL A 51 -15.73 19.84 -36.25
CA VAL A 51 -16.73 19.35 -37.16
C VAL A 51 -16.42 17.83 -37.52
N ASP A 52 -15.15 17.46 -37.76
CA ASP A 52 -14.80 16.09 -38.10
CA ASP A 52 -14.85 16.07 -38.11
C ASP A 52 -15.23 15.18 -36.94
N THR A 53 -14.95 15.61 -35.72
CA THR A 53 -15.37 14.77 -34.59
C THR A 53 -16.87 14.68 -34.52
N PHE A 54 -17.56 15.79 -34.76
CA PHE A 54 -19.02 15.68 -34.70
C PHE A 54 -19.50 14.64 -35.71
N LYS A 55 -18.88 14.62 -36.85
CA LYS A 55 -19.34 13.67 -37.84
C LYS A 55 -19.04 12.24 -37.27
N ILE A 56 -17.88 12.08 -36.65
CA ILE A 56 -17.48 10.78 -36.03
C ILE A 56 -18.36 10.30 -34.87
N ILE A 57 -18.75 11.16 -33.98
CA ILE A 57 -19.70 10.73 -32.96
C ILE A 57 -21.15 10.76 -33.41
N LYS A 58 -21.42 10.94 -34.70
CA LYS A 58 -22.80 10.90 -35.21
C LYS A 58 -23.70 12.00 -34.66
N CYS A 59 -23.17 13.17 -34.48
CA CYS A 59 -23.99 14.36 -34.15
C CYS A 59 -25.33 14.36 -34.83
N GLY A 60 -26.41 14.62 -34.12
CA GLY A 60 -27.73 14.68 -34.80
C GLY A 60 -27.93 15.87 -35.78
N GLY A 61 -27.17 16.94 -35.58
CA GLY A 61 -27.38 18.19 -36.34
C GLY A 61 -26.87 19.37 -35.57
N LEU A 62 -26.28 20.35 -36.28
CA LEU A 62 -25.69 21.60 -35.68
C LEU A 62 -26.21 22.87 -36.33
N ASN A 63 -26.55 23.87 -35.55
CA ASN A 63 -26.63 25.21 -36.07
C ASN A 63 -25.21 25.86 -36.03
N VAL A 64 -24.97 26.79 -36.93
CA VAL A 64 -23.67 27.47 -37.00
C VAL A 64 -23.96 28.95 -36.86
N THR A 65 -23.21 29.66 -36.05
CA THR A 65 -23.32 31.15 -36.00
C THR A 65 -21.94 31.78 -36.26
N ILE A 66 -21.75 33.02 -35.75
CA ILE A 66 -20.54 33.79 -36.01
C ILE A 66 -19.38 33.23 -35.24
N PRO A 67 -18.18 33.23 -35.82
CA PRO A 67 -17.85 33.66 -37.19
C PRO A 67 -17.73 32.56 -38.20
N TYR A 68 -18.64 31.61 -38.26
CA TYR A 68 -18.37 30.37 -39.04
C TYR A 68 -19.31 30.09 -40.20
N LYS A 69 -20.21 31.03 -40.50
CA LYS A 69 -21.30 30.71 -41.47
C LYS A 69 -20.81 30.58 -42.91
N VAL A 70 -19.73 31.28 -43.23
CA VAL A 70 -19.08 31.15 -44.51
C VAL A 70 -17.93 30.12 -44.39
N GLU A 71 -17.10 30.26 -43.36
CA GLU A 71 -15.93 29.38 -43.27
C GLU A 71 -16.28 27.91 -43.24
N VAL A 72 -17.37 27.59 -42.58
CA VAL A 72 -17.83 26.21 -42.48
C VAL A 72 -18.15 25.61 -43.81
N MET A 73 -18.41 26.43 -44.82
CA MET A 73 -18.79 25.89 -46.11
C MET A 73 -17.65 25.00 -46.71
N LYS A 74 -16.41 25.27 -46.32
CA LYS A 74 -15.26 24.50 -46.77
C LYS A 74 -15.35 23.01 -46.46
N GLU A 75 -16.23 22.68 -45.51
CA GLU A 75 -16.26 21.37 -44.91
C GLU A 75 -17.35 20.50 -45.49
N LEU A 76 -18.22 21.06 -46.32
CA LEU A 76 -19.48 20.39 -46.61
C LEU A 76 -19.35 19.75 -47.97
N TYR A 77 -19.94 18.58 -48.17
CA TYR A 77 -19.80 18.02 -49.49
C TYR A 77 -20.92 18.58 -50.39
N GLU A 78 -21.92 19.15 -49.77
CA GLU A 78 -23.00 19.70 -50.54
C GLU A 78 -23.67 20.82 -49.73
N ILE A 79 -24.35 21.75 -50.42
CA ILE A 79 -24.97 22.98 -49.86
C ILE A 79 -26.26 23.32 -50.65
N SER A 80 -27.38 23.57 -49.98
CA SER A 80 -28.60 23.88 -50.73
C SER A 80 -28.44 25.13 -51.62
N GLU A 81 -29.36 25.20 -52.61
CA GLU A 81 -29.37 26.26 -53.64
C GLU A 81 -29.53 27.63 -52.94
N LYS A 82 -30.61 27.78 -52.15
CA LYS A 82 -30.76 28.92 -51.24
C LYS A 82 -29.47 29.32 -50.46
N ALA A 83 -28.80 28.39 -49.79
CA ALA A 83 -27.63 28.80 -49.00
C ALA A 83 -26.50 29.26 -49.88
N ARG A 84 -26.36 28.60 -51.01
CA ARG A 84 -25.34 29.01 -51.96
C ARG A 84 -25.52 30.48 -52.36
N LYS A 85 -26.75 30.84 -52.67
CA LYS A 85 -27.10 32.15 -53.17
C LYS A 85 -26.90 33.17 -52.06
N ILE A 86 -27.27 32.78 -50.87
CA ILE A 86 -27.19 33.67 -49.74
C ILE A 86 -25.73 33.88 -49.43
N GLY A 87 -24.91 32.86 -49.64
CA GLY A 87 -23.51 32.90 -49.25
C GLY A 87 -23.19 32.53 -47.79
N ALA A 88 -24.04 31.79 -47.09
CA ALA A 88 -23.78 31.52 -45.66
C ALA A 88 -24.63 30.34 -45.25
N VAL A 89 -24.09 29.53 -44.37
CA VAL A 89 -24.80 28.33 -43.94
C VAL A 89 -25.03 28.49 -42.50
N ASN A 90 -26.27 28.31 -42.02
CA ASN A 90 -26.39 28.28 -40.54
C ASN A 90 -26.85 26.93 -40.01
N THR A 91 -26.98 25.90 -40.87
CA THR A 91 -27.55 24.60 -40.43
C THR A 91 -26.75 23.45 -41.12
N LEU A 92 -26.31 22.45 -40.35
CA LEU A 92 -25.50 21.36 -40.89
C LEU A 92 -26.24 20.04 -40.65
N LYS A 93 -26.39 19.26 -41.71
CA LYS A 93 -27.01 17.94 -41.65
C LYS A 93 -25.90 16.89 -41.83
N PHE A 94 -25.83 15.96 -40.90
CA PHE A 94 -24.80 14.93 -40.96
C PHE A 94 -25.40 13.73 -41.64
N SER A 95 -24.71 13.13 -42.59
CA SER A 95 -25.20 11.81 -43.03
C SER A 95 -24.02 10.94 -43.41
N ARG A 96 -24.29 9.76 -43.99
CA ARG A 96 -23.22 8.86 -44.53
C ARG A 96 -22.12 9.54 -45.35
N GLU A 97 -22.49 10.25 -46.40
CA GLU A 97 -21.46 10.98 -47.14
C GLU A 97 -20.57 11.90 -46.27
N GLY A 98 -21.16 12.56 -45.27
CA GLY A 98 -20.45 13.67 -44.59
C GLY A 98 -21.45 14.77 -44.22
N ILE A 99 -21.07 16.03 -44.35
CA ILE A 99 -21.91 17.10 -43.78
C ILE A 99 -22.43 17.95 -44.92
N SER A 100 -23.72 18.24 -44.91
CA SER A 100 -24.16 19.20 -45.91
C SER A 100 -24.85 20.40 -45.20
N GLY A 101 -25.10 21.43 -46.00
CA GLY A 101 -25.38 22.76 -45.42
C GLY A 101 -26.65 23.37 -45.95
N PHE A 102 -27.35 24.08 -45.07
CA PHE A 102 -28.58 24.78 -45.39
C PHE A 102 -28.56 26.12 -44.73
N ASN A 103 -29.60 26.88 -45.01
CA ASN A 103 -29.80 28.15 -44.40
C ASN A 103 -31.22 28.27 -44.02
N THR A 104 -31.50 28.18 -42.73
CA THR A 104 -32.89 28.26 -42.25
C THR A 104 -33.25 29.65 -41.63
N ASP A 105 -32.32 30.63 -41.62
CA ASP A 105 -32.73 32.05 -41.41
C ASP A 105 -33.70 32.53 -42.51
N TYR A 106 -33.37 32.21 -43.75
CA TYR A 106 -34.22 32.52 -44.92
C TYR A 106 -35.63 31.98 -44.70
N ILE A 107 -35.72 30.74 -44.19
CA ILE A 107 -37.02 30.06 -44.06
C ILE A 107 -37.74 30.70 -42.90
N GLY A 108 -37.01 30.91 -41.80
CA GLY A 108 -37.64 31.56 -40.64
C GLY A 108 -38.21 32.96 -40.99
N PHE A 109 -37.47 33.71 -41.78
CA PHE A 109 -37.84 35.10 -42.04
C PHE A 109 -39.18 35.07 -42.85
N GLY A 110 -39.24 34.21 -43.85
CA GLY A 110 -40.47 34.05 -44.61
C GLY A 110 -41.65 33.61 -43.75
N LYS A 111 -41.42 32.76 -42.73
CA LYS A 111 -42.57 32.31 -41.97
C LYS A 111 -43.12 33.45 -41.15
N MET A 112 -42.21 34.33 -40.72
CA MET A 112 -42.58 35.48 -39.91
C MET A 112 -43.47 36.51 -40.70
N LEU A 113 -43.07 36.83 -41.92
CA LEU A 113 -43.83 37.71 -42.81
C LEU A 113 -45.23 37.05 -43.05
N SER A 114 -45.28 35.79 -43.47
CA SER A 114 -46.61 35.19 -43.70
C SER A 114 -47.47 35.28 -42.49
N LYS A 115 -46.91 34.88 -41.36
CA LYS A 115 -47.68 34.80 -40.15
C LYS A 115 -48.21 36.15 -39.72
N PHE A 116 -47.45 37.23 -39.80
CA PHE A 116 -48.10 38.51 -39.57
C PHE A 116 -48.59 39.18 -40.85
N ARG A 117 -48.69 38.44 -41.93
CA ARG A 117 -49.20 39.00 -43.19
C ARG A 117 -48.50 40.30 -43.64
N VAL A 118 -47.17 40.29 -43.71
CA VAL A 118 -46.46 41.48 -44.19
C VAL A 118 -46.21 41.19 -45.62
N GLU A 119 -46.85 41.89 -46.55
CA GLU A 119 -46.57 41.62 -47.97
C GLU A 119 -45.26 42.26 -48.44
N ILE A 120 -44.62 41.61 -49.40
CA ILE A 120 -43.35 41.98 -49.94
C ILE A 120 -43.48 42.22 -51.44
N LYS A 121 -44.06 41.29 -52.16
CA LYS A 121 -44.13 41.42 -53.61
C LYS A 121 -44.65 42.80 -53.99
N ASN A 122 -43.97 43.45 -54.90
CA ASN A 122 -44.43 44.79 -55.30
C ASN A 122 -44.38 45.90 -54.26
N ASN A 123 -43.80 45.63 -53.10
CA ASN A 123 -43.64 46.69 -52.14
C ASN A 123 -42.19 47.25 -52.17
N ILE A 124 -42.03 48.43 -51.59
CA ILE A 124 -40.74 49.12 -51.42
C ILE A 124 -40.15 48.68 -50.09
N CYS A 125 -39.03 47.96 -50.19
CA CYS A 125 -38.50 47.34 -48.96
C CYS A 125 -37.16 47.91 -48.55
N VAL A 126 -37.09 48.30 -47.28
CA VAL A 126 -35.90 48.91 -46.74
C VAL A 126 -35.24 48.09 -45.64
N VAL A 127 -34.00 47.71 -45.87
CA VAL A 127 -33.27 46.94 -44.85
C VAL A 127 -32.23 47.77 -44.10
N LEU A 128 -32.28 47.72 -42.77
CA LEU A 128 -31.32 48.42 -41.95
C LEU A 128 -30.17 47.53 -41.50
N GLY A 129 -28.95 47.95 -41.84
CA GLY A 129 -27.73 47.16 -41.62
C GLY A 129 -27.38 46.12 -42.69
N SER A 130 -26.10 45.76 -42.74
CA SER A 130 -25.60 44.80 -43.71
C SER A 130 -25.05 43.50 -43.17
N GLY A 131 -25.01 43.35 -41.84
CA GLY A 131 -24.66 42.08 -41.21
C GLY A 131 -25.80 41.35 -40.51
N GLY A 132 -25.43 40.51 -39.53
CA GLY A 132 -26.38 39.57 -38.99
C GLY A 132 -27.16 38.92 -40.13
N ALA A 133 -28.49 38.94 -40.05
CA ALA A 133 -29.21 38.18 -41.04
C ALA A 133 -29.54 38.94 -42.31
N ALA A 134 -28.90 40.07 -42.57
CA ALA A 134 -29.21 40.79 -43.81
C ALA A 134 -29.10 39.99 -45.10
N ARG A 135 -28.10 39.13 -45.17
CA ARG A 135 -27.91 38.35 -46.38
C ARG A 135 -29.14 37.51 -46.73
N ALA A 136 -29.65 36.78 -45.73
CA ALA A 136 -30.80 35.91 -45.99
C ALA A 136 -32.06 36.72 -46.22
N VAL A 137 -32.25 37.80 -45.50
CA VAL A 137 -33.43 38.70 -45.68
C VAL A 137 -33.41 39.32 -47.13
N LEU A 138 -32.25 39.76 -47.61
CA LEU A 138 -32.13 40.37 -48.96
C LEU A 138 -32.37 39.33 -50.06
N GLN A 139 -31.87 38.10 -49.89
CA GLN A 139 -32.20 37.06 -50.87
C GLN A 139 -33.72 36.81 -50.88
N TYR A 140 -34.32 36.71 -49.69
CA TYR A 140 -35.77 36.50 -49.66
C TYR A 140 -36.58 37.62 -50.35
N LEU A 141 -36.30 38.90 -50.04
CA LEU A 141 -37.04 40.02 -50.61
C LEU A 141 -37.01 40.03 -52.14
N LYS A 142 -35.85 39.71 -52.65
CA LYS A 142 -35.62 39.66 -54.04
C LYS A 142 -36.30 38.40 -54.65
N ASP A 143 -36.19 37.25 -53.98
CA ASP A 143 -36.87 36.07 -54.45
C ASP A 143 -38.37 36.33 -54.52
N ASN A 144 -38.88 37.20 -53.67
CA ASN A 144 -40.31 37.52 -53.64
C ASN A 144 -40.75 38.78 -54.42
N PHE A 145 -39.89 39.34 -55.25
CA PHE A 145 -40.30 40.42 -56.16
C PHE A 145 -40.73 41.72 -55.47
N ALA A 146 -39.97 42.18 -54.46
CA ALA A 146 -40.16 43.55 -53.95
C ALA A 146 -40.13 44.59 -55.11
N LYS A 147 -40.79 45.73 -54.94
CA LYS A 147 -40.72 46.75 -56.01
C LYS A 147 -39.28 47.21 -56.10
N ASP A 148 -38.79 47.62 -54.92
CA ASP A 148 -37.43 47.98 -54.75
C ASP A 148 -36.91 47.67 -53.34
N ILE A 149 -35.58 47.47 -53.26
CA ILE A 149 -34.91 47.05 -52.04
C ILE A 149 -33.79 48.04 -51.70
N TYR A 150 -33.90 48.74 -50.60
CA TYR A 150 -32.81 49.54 -50.19
C TYR A 150 -32.07 48.83 -49.07
N VAL A 151 -30.75 48.97 -49.05
CA VAL A 151 -29.94 48.53 -47.94
C VAL A 151 -29.31 49.74 -47.33
N VAL A 152 -29.53 49.97 -46.05
CA VAL A 152 -29.05 51.19 -45.46
C VAL A 152 -27.92 50.89 -44.48
N THR A 153 -26.79 51.59 -44.63
CA THR A 153 -25.55 51.25 -43.94
C THR A 153 -24.84 52.47 -43.30
N ARG A 154 -23.99 52.19 -42.33
CA ARG A 154 -23.13 53.25 -41.80
C ARG A 154 -21.95 53.47 -42.70
N ASN A 155 -21.72 52.51 -43.58
CA ASN A 155 -20.60 52.55 -44.51
C ASN A 155 -20.95 52.27 -45.95
N PRO A 156 -21.50 53.28 -46.63
CA PRO A 156 -21.99 53.17 -48.01
C PRO A 156 -20.92 52.78 -49.01
N GLU A 157 -19.67 53.21 -48.85
CA GLU A 157 -18.64 52.73 -49.80
C GLU A 157 -18.32 51.27 -49.62
N LYS A 158 -18.19 50.85 -48.38
CA LYS A 158 -17.90 49.43 -48.18
C LYS A 158 -19.11 48.60 -48.64
N THR A 159 -20.28 48.92 -48.09
CA THR A 159 -21.41 48.02 -48.35
C THR A 159 -21.77 47.93 -49.84
N SER A 160 -21.62 49.01 -50.57
CA SER A 160 -22.04 48.89 -51.97
C SER A 160 -21.08 48.07 -52.82
N GLU A 161 -19.86 47.85 -52.33
CA GLU A 161 -18.98 46.85 -52.95
C GLU A 161 -19.58 45.46 -52.70
N ILE A 162 -20.08 45.25 -51.48
CA ILE A 162 -20.66 43.96 -51.06
C ILE A 162 -21.97 43.62 -51.74
N TYR A 163 -22.90 44.57 -51.80
CA TYR A 163 -24.22 44.29 -52.37
C TYR A 163 -24.49 45.16 -53.62
N GLY A 164 -23.80 44.87 -54.71
CA GLY A 164 -23.80 45.72 -55.89
C GLY A 164 -25.13 45.87 -56.59
N GLU A 165 -25.96 44.83 -56.50
CA GLU A 165 -27.24 44.79 -57.21
C GLU A 165 -28.39 45.37 -56.39
N PHE A 166 -28.09 45.89 -55.20
CA PHE A 166 -29.13 46.57 -54.47
C PHE A 166 -28.80 48.04 -54.41
N LYS A 167 -29.80 48.89 -54.21
CA LYS A 167 -29.60 50.31 -53.91
C LYS A 167 -29.13 50.48 -52.49
N VAL A 168 -27.83 50.77 -52.31
CA VAL A 168 -27.23 51.04 -50.98
C VAL A 168 -27.19 52.55 -50.62
N ILE A 169 -27.57 52.90 -49.41
CA ILE A 169 -27.69 54.31 -49.10
C ILE A 169 -27.26 54.55 -47.68
N SER A 170 -27.01 55.81 -47.36
CA SER A 170 -26.69 56.20 -45.97
C SER A 170 -27.90 56.50 -45.14
N TYR A 171 -27.69 56.57 -43.83
CA TYR A 171 -28.81 56.85 -42.99
C TYR A 171 -29.36 58.24 -43.32
N ASP A 172 -28.45 59.13 -43.71
CA ASP A 172 -28.89 60.45 -44.15
C ASP A 172 -29.81 60.41 -45.33
N GLU A 173 -29.45 59.66 -46.35
CA GLU A 173 -30.30 59.53 -47.53
C GLU A 173 -31.66 58.89 -47.21
N LEU A 174 -31.71 58.13 -46.13
CA LEU A 174 -32.90 57.33 -45.87
C LEU A 174 -33.95 58.31 -45.40
N SER A 175 -33.50 59.33 -44.68
CA SER A 175 -34.44 60.29 -44.13
C SER A 175 -35.25 61.06 -45.20
N ASN A 176 -34.80 61.01 -46.46
CA ASN A 176 -35.58 61.49 -47.59
C ASN A 176 -36.40 60.40 -48.32
N LEU A 177 -36.42 59.17 -47.82
CA LEU A 177 -37.10 58.11 -48.57
C LEU A 177 -38.46 57.69 -47.96
N LYS A 178 -39.47 57.42 -48.82
CA LYS A 178 -40.69 56.84 -48.25
C LYS A 178 -40.87 55.41 -48.81
N GLY A 179 -41.45 54.51 -48.01
CA GLY A 179 -41.64 53.15 -48.51
C GLY A 179 -42.68 52.34 -47.75
N ASP A 180 -42.74 51.07 -48.06
CA ASP A 180 -43.75 50.17 -47.51
C ASP A 180 -43.27 49.41 -46.28
N VAL A 181 -42.14 48.70 -46.40
CA VAL A 181 -41.65 47.80 -45.35
C VAL A 181 -40.22 48.17 -44.96
N ILE A 182 -39.97 48.35 -43.67
CA ILE A 182 -38.65 48.68 -43.17
C ILE A 182 -38.26 47.64 -42.09
N ILE A 183 -37.04 47.11 -42.25
CA ILE A 183 -36.59 45.91 -41.51
C ILE A 183 -35.26 46.20 -40.81
N ASN A 184 -35.22 46.03 -39.51
CA ASN A 184 -34.01 46.22 -38.76
C ASN A 184 -33.20 44.94 -38.72
N CYS A 185 -32.00 44.98 -39.30
CA CYS A 185 -31.08 43.86 -39.22
C CYS A 185 -29.85 44.21 -38.37
N THR A 186 -29.88 45.37 -37.70
CA THR A 186 -28.74 45.88 -36.92
C THR A 186 -28.84 45.43 -35.49
N PRO A 187 -27.75 45.62 -34.70
CA PRO A 187 -27.90 45.26 -33.26
C PRO A 187 -28.45 46.34 -32.34
N LYS A 188 -28.82 47.50 -32.87
CA LYS A 188 -29.45 48.56 -32.06
C LYS A 188 -30.82 48.14 -31.67
N GLY A 189 -31.11 48.24 -30.39
CA GLY A 189 -32.40 47.81 -29.87
C GLY A 189 -32.32 46.58 -28.94
N MET A 190 -31.24 45.80 -29.07
CA MET A 190 -31.01 44.61 -28.21
C MET A 190 -29.80 44.81 -27.34
N TYR A 191 -29.78 44.15 -26.18
CA TYR A 191 -28.67 44.28 -25.25
C TYR A 191 -27.34 44.20 -26.04
N PRO A 192 -26.33 45.03 -25.70
CA PRO A 192 -26.28 46.09 -24.67
C PRO A 192 -26.60 47.43 -25.29
N LYS A 193 -27.37 47.43 -26.39
CA LYS A 193 -27.72 48.68 -27.05
C LYS A 193 -29.21 48.91 -27.03
N GLU A 194 -29.85 48.47 -25.96
CA GLU A 194 -31.31 48.44 -25.92
C GLU A 194 -32.07 49.79 -25.97
N GLY A 195 -31.47 50.88 -25.52
CA GLY A 195 -32.23 52.14 -25.55
C GLY A 195 -32.04 52.91 -26.84
N GLU A 196 -31.45 52.25 -27.84
CA GLU A 196 -31.17 52.85 -29.12
C GLU A 196 -32.09 52.29 -30.16
N SER A 197 -32.30 53.10 -31.17
CA SER A 197 -32.99 52.69 -32.33
C SER A 197 -32.02 52.89 -33.48
N PRO A 198 -32.08 52.04 -34.53
CA PRO A 198 -31.30 52.45 -35.68
C PRO A 198 -31.83 53.73 -36.40
N VAL A 199 -33.13 54.04 -36.36
CA VAL A 199 -33.66 55.23 -37.06
C VAL A 199 -34.60 56.08 -36.19
N ASP A 200 -34.88 57.32 -36.61
CA ASP A 200 -35.82 58.15 -35.83
C ASP A 200 -37.25 57.74 -36.13
N LYS A 201 -38.16 58.07 -35.21
CA LYS A 201 -39.60 57.72 -35.37
C LYS A 201 -40.24 58.34 -36.58
N GLU A 202 -39.77 59.53 -36.89
CA GLU A 202 -40.16 60.20 -38.14
C GLU A 202 -39.78 59.36 -39.34
N VAL A 203 -38.74 58.55 -39.20
CA VAL A 203 -38.43 57.66 -40.34
C VAL A 203 -39.37 56.47 -40.32
N VAL A 204 -39.51 55.91 -39.15
CA VAL A 204 -40.38 54.78 -39.01
C VAL A 204 -41.73 55.17 -39.59
N ALA A 205 -42.13 56.43 -39.36
CA ALA A 205 -43.53 56.86 -39.65
C ALA A 205 -43.86 56.91 -41.10
N LYS A 206 -42.87 56.73 -41.95
CA LYS A 206 -43.14 56.79 -43.36
C LYS A 206 -43.32 55.45 -43.94
N PHE A 207 -43.49 54.42 -43.13
CA PHE A 207 -43.61 53.09 -43.77
C PHE A 207 -44.92 52.52 -43.32
N SER A 208 -45.40 51.47 -43.93
CA SER A 208 -46.62 50.89 -43.34
C SER A 208 -46.42 49.55 -42.58
N SER A 209 -45.21 48.98 -42.61
CA SER A 209 -44.83 47.86 -41.72
C SER A 209 -43.38 47.97 -41.17
N ALA A 210 -43.21 47.74 -39.86
CA ALA A 210 -41.94 47.75 -39.26
C ALA A 210 -41.66 46.32 -38.83
N VAL A 211 -40.57 45.68 -39.29
CA VAL A 211 -40.12 44.32 -38.85
C VAL A 211 -38.73 44.43 -38.13
N ASP A 212 -38.66 44.11 -36.85
CA ASP A 212 -37.37 43.99 -36.18
C ASP A 212 -36.99 42.51 -36.00
N LEU A 213 -35.79 42.11 -36.36
CA LEU A 213 -35.37 40.71 -36.16
C LEU A 213 -34.98 40.45 -34.71
N ILE A 214 -34.82 41.51 -33.93
CA ILE A 214 -34.73 41.41 -32.49
C ILE A 214 -36.05 40.95 -31.84
N TYR A 215 -35.95 40.02 -30.85
CA TYR A 215 -37.13 39.43 -30.16
C TYR A 215 -37.01 39.64 -28.65
N ASN A 216 -35.84 40.08 -28.21
CA ASN A 216 -35.74 40.44 -26.82
C ASN A 216 -34.92 41.68 -26.80
N PRO A 217 -35.54 42.83 -26.40
CA PRO A 217 -36.90 42.95 -25.85
C PRO A 217 -38.00 42.73 -26.86
N VAL A 218 -39.22 42.41 -26.39
CA VAL A 218 -40.28 42.08 -27.36
C VAL A 218 -40.77 43.32 -28.11
N GLU A 219 -40.52 44.47 -27.51
CA GLU A 219 -40.72 45.75 -28.18
C GLU A 219 -39.46 46.57 -28.00
N THR A 220 -38.70 46.69 -29.08
CA THR A 220 -37.61 47.62 -29.17
C THR A 220 -38.13 49.11 -29.28
N LEU A 221 -37.31 50.06 -28.88
CA LEU A 221 -37.56 51.47 -29.23
C LEU A 221 -38.03 51.54 -30.68
N PHE A 222 -37.27 50.91 -31.57
CA PHE A 222 -37.66 50.89 -32.96
C PHE A 222 -39.11 50.47 -33.17
N LEU A 223 -39.57 49.41 -32.48
CA LEU A 223 -40.94 48.96 -32.62
C LEU A 223 -42.03 49.80 -31.86
N LYS A 224 -41.69 50.35 -30.70
CA LYS A 224 -42.57 51.29 -30.02
C LYS A 224 -42.91 52.43 -31.01
N TYR A 225 -41.85 53.09 -31.46
CA TYR A 225 -41.93 54.09 -32.52
C TYR A 225 -42.95 53.73 -33.56
N ALA A 226 -42.90 52.49 -34.03
CA ALA A 226 -43.82 52.03 -35.03
C ALA A 226 -45.22 52.02 -34.45
N ARG A 227 -45.33 51.73 -33.14
CA ARG A 227 -46.66 51.62 -32.51
C ARG A 227 -47.35 52.98 -32.50
N GLU A 228 -46.72 53.90 -31.77
CA GLU A 228 -47.09 55.31 -31.81
C GLU A 228 -47.49 55.89 -33.18
N SER A 229 -46.95 55.39 -34.29
CA SER A 229 -47.22 56.01 -35.60
C SER A 229 -48.26 55.30 -36.47
N GLY A 230 -48.83 54.24 -35.93
CA GLY A 230 -49.85 53.50 -36.64
C GLY A 230 -49.30 52.48 -37.59
N VAL A 231 -48.00 52.18 -37.48
CA VAL A 231 -47.35 51.22 -38.39
C VAL A 231 -47.39 49.78 -37.81
N LYS A 232 -47.84 48.80 -38.60
CA LYS A 232 -47.81 47.42 -38.12
C LYS A 232 -46.41 47.03 -37.64
N ALA A 233 -46.34 46.47 -36.44
CA ALA A 233 -45.07 46.20 -35.82
C ALA A 233 -44.91 44.69 -35.63
N VAL A 234 -43.77 44.13 -36.05
CA VAL A 234 -43.46 42.69 -35.85
C VAL A 234 -42.04 42.51 -35.26
N ASN A 235 -41.90 41.86 -34.09
CA ASN A 235 -40.55 41.50 -33.55
C ASN A 235 -40.10 40.11 -34.05
N GLY A 236 -38.90 39.62 -33.73
CA GLY A 236 -38.40 38.48 -34.47
C GLY A 236 -38.64 37.12 -33.84
N LEU A 237 -39.55 37.05 -32.88
CA LEU A 237 -39.80 35.78 -32.17
C LEU A 237 -40.29 34.64 -33.06
N TYR A 238 -41.21 34.93 -33.96
CA TYR A 238 -41.70 33.90 -34.81
C TYR A 238 -40.59 33.37 -35.73
N MET A 239 -39.67 34.24 -36.13
CA MET A 239 -38.58 33.82 -36.96
C MET A 239 -37.67 32.86 -36.15
N LEU A 240 -37.28 33.23 -34.94
CA LEU A 240 -36.47 32.38 -34.11
C LEU A 240 -37.11 31.00 -33.95
N VAL A 241 -38.41 30.95 -33.65
CA VAL A 241 -39.08 29.69 -33.42
C VAL A 241 -39.18 28.94 -34.66
N SER A 242 -39.44 29.61 -35.78
CA SER A 242 -39.50 28.89 -37.07
C SER A 242 -38.18 28.42 -37.62
N GLN A 243 -37.15 29.24 -37.46
CA GLN A 243 -35.84 28.78 -37.86
C GLN A 243 -35.45 27.54 -37.06
N ALA A 244 -35.74 27.49 -35.78
CA ALA A 244 -35.36 26.29 -35.05
C ALA A 244 -36.19 25.02 -35.54
N ALA A 245 -37.51 25.19 -35.74
CA ALA A 245 -38.38 24.12 -36.30
C ALA A 245 -37.83 23.63 -37.63
N ALA A 246 -37.46 24.58 -38.45
CA ALA A 246 -36.95 24.16 -39.74
C ALA A 246 -35.59 23.41 -39.64
N SER A 247 -34.74 23.76 -38.69
CA SER A 247 -33.51 23.01 -38.57
C SER A 247 -33.85 21.59 -38.22
N GLU A 248 -34.80 21.44 -37.30
CA GLU A 248 -35.10 20.12 -36.73
C GLU A 248 -35.73 19.27 -37.82
N GLU A 249 -36.48 19.94 -38.73
CA GLU A 249 -37.09 19.27 -39.88
C GLU A 249 -36.00 18.71 -40.74
N ILE A 250 -34.97 19.50 -41.02
CA ILE A 250 -33.95 18.99 -41.88
C ILE A 250 -33.09 17.88 -41.20
N TRP A 251 -32.79 18.05 -39.90
CA TRP A 251 -31.98 17.06 -39.17
C TRP A 251 -32.69 15.69 -39.07
N ASN A 252 -33.95 15.73 -38.69
CA ASN A 252 -34.65 14.54 -38.39
C ASN A 252 -35.60 14.12 -39.50
N ASP A 253 -35.51 14.75 -40.66
CA ASP A 253 -36.38 14.46 -41.81
C ASP A 253 -37.79 14.25 -41.37
N ILE A 254 -38.35 15.26 -40.67
CA ILE A 254 -39.76 15.26 -40.23
C ILE A 254 -40.41 16.58 -40.67
N SER A 255 -41.71 16.78 -40.39
CA SER A 255 -42.36 18.06 -40.58
C SER A 255 -42.97 18.43 -39.29
N ILE A 256 -42.81 19.68 -38.88
CA ILE A 256 -43.31 20.13 -37.60
C ILE A 256 -44.52 21.03 -37.81
N ASP A 257 -45.63 20.70 -37.18
CA ASP A 257 -46.93 21.34 -37.42
C ASP A 257 -46.80 22.81 -37.17
N GLU A 258 -47.44 23.63 -37.97
CA GLU A 258 -47.53 25.04 -37.61
C GLU A 258 -48.05 25.22 -36.19
N ILE A 259 -48.80 24.22 -35.73
CA ILE A 259 -49.45 24.19 -34.39
C ILE A 259 -48.44 24.09 -33.27
N ILE A 260 -47.46 23.23 -33.45
CA ILE A 260 -46.27 23.18 -32.56
C ILE A 260 -45.50 24.50 -32.56
N VAL A 261 -45.34 25.12 -33.73
CA VAL A 261 -44.67 26.44 -33.76
C VAL A 261 -45.36 27.59 -32.93
N ASP A 262 -46.65 27.83 -33.13
CA ASP A 262 -47.35 28.89 -32.34
C ASP A 262 -47.31 28.61 -30.88
N GLU A 263 -47.46 27.35 -30.52
CA GLU A 263 -47.40 26.91 -29.12
C GLU A 263 -46.03 27.22 -28.48
N ILE A 264 -44.96 26.79 -29.17
CA ILE A 264 -43.66 27.23 -28.68
C ILE A 264 -43.52 28.76 -28.67
N PHE A 265 -44.10 29.41 -29.67
CA PHE A 265 -44.06 30.86 -29.76
C PHE A 265 -44.73 31.53 -28.55
N GLU A 266 -45.97 31.12 -28.26
CA GLU A 266 -46.68 31.66 -27.08
C GLU A 266 -45.93 31.43 -25.80
N VAL A 267 -45.45 30.20 -25.61
CA VAL A 267 -44.62 29.93 -24.42
C VAL A 267 -43.40 30.85 -24.32
N LEU A 268 -42.60 30.93 -25.40
CA LEU A 268 -41.41 31.78 -25.37
C LEU A 268 -41.76 33.26 -25.18
N GLU A 269 -42.86 33.70 -25.79
CA GLU A 269 -43.23 35.14 -25.69
C GLU A 269 -43.43 35.55 -24.25
N GLU A 270 -44.22 34.77 -23.51
CA GLU A 270 -44.35 34.94 -22.07
C GLU A 270 -43.01 34.82 -21.39
N LYS A 271 -42.29 33.75 -21.63
CA LYS A 271 -41.05 33.64 -20.88
C LYS A 271 -40.20 34.89 -21.09
N ILE A 272 -40.18 35.45 -22.30
CA ILE A 272 -39.32 36.61 -22.53
C ILE A 272 -39.82 37.89 -21.86
N LYS A 273 -41.12 38.15 -21.90
CA LYS A 273 -41.68 39.37 -21.30
C LYS A 273 -41.57 39.40 -19.78
N SER A 274 -41.58 38.22 -19.16
CA SER A 274 -41.33 38.08 -17.73
C SER A 274 -39.87 38.36 -17.38
N LEU B 3 -28.79 26.39 -20.37
CA LEU B 3 -27.71 25.56 -19.70
C LEU B 3 -27.39 24.12 -20.30
N ASN B 4 -26.16 23.86 -20.66
CA ASN B 4 -25.82 22.65 -21.38
C ASN B 4 -26.06 21.37 -20.56
N THR B 5 -26.38 20.29 -21.24
CA THR B 5 -26.37 18.94 -20.61
C THR B 5 -24.92 18.46 -20.64
N SER B 6 -24.40 17.87 -19.57
CA SER B 6 -23.06 17.39 -19.60
C SER B 6 -23.08 16.10 -20.39
N ILE B 7 -22.14 15.96 -21.32
CA ILE B 7 -22.02 14.81 -22.14
C ILE B 7 -20.92 13.85 -21.57
N TYR B 8 -21.34 12.64 -21.24
CA TYR B 8 -20.45 11.61 -20.81
C TYR B 8 -20.58 10.49 -21.84
N GLY B 9 -19.68 9.50 -21.77
CA GLY B 9 -19.90 8.20 -22.34
C GLY B 9 -18.63 7.32 -22.43
N LEU B 10 -18.65 6.41 -23.40
CA LEU B 10 -17.60 5.39 -23.56
C LEU B 10 -16.93 5.46 -24.92
N ILE B 11 -15.63 5.56 -24.94
CA ILE B 11 -14.97 5.56 -26.23
C ILE B 11 -14.26 4.19 -26.52
N GLY B 12 -14.60 3.57 -27.65
CA GLY B 12 -13.80 2.46 -28.17
C GLY B 12 -14.03 2.33 -29.68
N GLU B 13 -13.31 1.41 -30.33
CA GLU B 13 -13.42 1.20 -31.79
C GLU B 13 -14.76 0.60 -32.21
N LYS B 14 -15.00 -0.64 -31.80
CA LYS B 14 -16.24 -1.29 -32.13
C LYS B 14 -16.97 -1.63 -30.84
N LEU B 15 -18.22 -1.17 -30.69
CA LEU B 15 -18.95 -1.33 -29.44
C LEU B 15 -20.28 -2.05 -29.65
N GLY B 16 -20.51 -3.08 -28.83
CA GLY B 16 -21.84 -3.68 -28.73
C GLY B 16 -22.66 -2.74 -27.90
N HIS B 17 -23.91 -3.13 -27.67
CA HIS B 17 -24.75 -2.47 -26.70
C HIS B 17 -24.09 -2.74 -25.33
N SER B 18 -24.36 -1.87 -24.38
CA SER B 18 -23.77 -2.03 -23.08
C SER B 18 -24.89 -1.74 -22.07
N HIS B 19 -24.97 -2.52 -21.00
CA HIS B 19 -25.87 -2.23 -19.91
C HIS B 19 -25.31 -1.08 -19.11
N SER B 20 -24.07 -0.72 -19.45
CA SER B 20 -23.39 0.45 -18.90
C SER B 20 -24.09 1.78 -19.09
N SER B 21 -24.70 1.97 -20.26
CA SER B 21 -25.29 3.27 -20.49
C SER B 21 -26.54 3.41 -19.64
N TYR B 22 -27.18 2.27 -19.32
CA TYR B 22 -28.41 2.33 -18.55
C TYR B 22 -27.97 2.54 -17.10
N ILE B 23 -26.86 1.92 -16.69
CA ILE B 23 -26.32 2.15 -15.38
C ILE B 23 -26.04 3.67 -15.11
N HIS B 24 -25.37 4.34 -16.06
CA HIS B 24 -25.05 5.71 -15.90
C HIS B 24 -26.27 6.61 -15.87
N LYS B 25 -27.23 6.35 -16.75
CA LYS B 25 -28.53 7.04 -16.61
C LYS B 25 -29.16 6.95 -15.19
N LEU B 26 -29.14 5.76 -14.61
CA LEU B 26 -29.71 5.54 -13.26
C LEU B 26 -28.97 6.31 -12.21
N ILE B 27 -27.66 6.39 -12.38
CA ILE B 27 -26.88 7.16 -11.50
C ILE B 27 -27.26 8.62 -11.62
N PHE B 28 -27.38 9.12 -12.83
CA PHE B 28 -27.75 10.52 -13.04
C PHE B 28 -29.01 10.86 -12.30
N GLU B 29 -30.03 10.02 -12.47
CA GLU B 29 -31.34 10.21 -11.87
C GLU B 29 -31.27 10.14 -10.35
N LYS B 30 -30.65 9.07 -9.82
CA LYS B 30 -30.60 8.79 -8.36
C LYS B 30 -29.74 9.78 -7.61
N VAL B 31 -28.66 10.29 -8.22
CA VAL B 31 -27.92 11.39 -7.57
C VAL B 31 -28.34 12.80 -7.96
N GLY B 32 -29.06 13.00 -9.09
CA GLY B 32 -29.46 14.35 -9.52
C GLY B 32 -28.46 15.12 -10.38
N ILE B 33 -27.97 14.49 -11.44
CA ILE B 33 -26.99 15.10 -12.35
C ILE B 33 -27.75 15.25 -13.66
N LYS B 34 -27.50 16.29 -14.45
CA LYS B 34 -28.17 16.37 -15.72
C LYS B 34 -27.16 15.98 -16.78
N GLY B 35 -27.24 14.77 -17.34
CA GLY B 35 -26.28 14.43 -18.37
C GLY B 35 -26.81 13.30 -19.17
N ILE B 36 -26.03 12.89 -20.14
CA ILE B 36 -26.37 11.71 -20.88
C ILE B 36 -25.08 10.95 -20.98
N TYR B 37 -25.17 9.65 -21.25
CA TYR B 37 -23.94 8.85 -21.39
C TYR B 37 -24.10 8.15 -22.75
N ASN B 38 -23.27 8.46 -23.74
CA ASN B 38 -23.43 7.76 -25.04
C ASN B 38 -22.27 6.77 -25.30
N LEU B 39 -22.52 5.77 -26.14
CA LEU B 39 -21.44 4.98 -26.72
C LEU B 39 -20.80 5.67 -27.96
N PHE B 40 -19.54 5.98 -27.90
CA PHE B 40 -18.94 6.69 -29.00
C PHE B 40 -17.93 5.78 -29.76
N GLU B 41 -18.24 5.49 -31.04
CA GLU B 41 -17.35 4.67 -31.84
C GLU B 41 -16.29 5.54 -32.52
N VAL B 42 -15.04 5.36 -32.12
CA VAL B 42 -13.94 6.13 -32.68
C VAL B 42 -12.97 5.15 -33.37
N PRO B 43 -12.61 5.44 -34.63
CA PRO B 43 -11.60 4.60 -35.31
C PRO B 43 -10.23 5.01 -34.83
N LYS B 44 -9.28 4.09 -34.92
CA LYS B 44 -7.95 4.29 -34.35
C LYS B 44 -7.21 5.55 -34.78
N GLU B 45 -7.37 5.95 -36.04
CA GLU B 45 -6.63 7.08 -36.57
C GLU B 45 -7.16 8.39 -36.04
N LYS B 46 -8.32 8.34 -35.40
CA LYS B 46 -9.00 9.54 -34.92
C LYS B 46 -9.01 9.70 -33.39
N LEU B 47 -8.15 8.98 -32.68
CA LEU B 47 -8.25 9.01 -31.23
C LEU B 47 -7.86 10.40 -30.74
N LYS B 48 -6.66 10.83 -31.08
CA LYS B 48 -6.19 12.15 -30.73
C LYS B 48 -7.25 13.21 -31.06
N GLU B 49 -7.74 13.21 -32.29
CA GLU B 49 -8.63 14.28 -32.67
C GLU B 49 -9.87 14.22 -31.80
N SER B 50 -10.43 13.02 -31.65
CA SER B 50 -11.66 12.88 -30.88
C SER B 50 -11.46 13.45 -29.47
N VAL B 51 -10.52 12.91 -28.70
CA VAL B 51 -10.33 13.45 -27.33
C VAL B 51 -10.00 14.93 -27.34
N ASP B 52 -9.18 15.40 -28.27
CA ASP B 52 -8.99 16.85 -28.30
C ASP B 52 -10.35 17.55 -28.47
N THR B 53 -11.24 17.08 -29.35
CA THR B 53 -12.58 17.73 -29.45
C THR B 53 -13.36 17.66 -28.14
N PHE B 54 -13.39 16.49 -27.53
CA PHE B 54 -14.13 16.39 -26.29
C PHE B 54 -13.65 17.44 -25.30
N LYS B 55 -12.34 17.58 -25.18
CA LYS B 55 -11.75 18.60 -24.33
C LYS B 55 -12.39 19.96 -24.61
N ILE B 56 -12.57 20.30 -25.89
CA ILE B 56 -13.00 21.64 -26.30
C ILE B 56 -14.46 21.84 -25.97
N ILE B 57 -15.25 20.79 -26.04
CA ILE B 57 -16.64 20.96 -25.78
C ILE B 57 -16.93 20.65 -24.32
N LYS B 58 -15.89 20.63 -23.53
CA LYS B 58 -16.00 20.41 -22.12
C LYS B 58 -16.83 19.16 -21.76
N CYS B 59 -16.45 18.04 -22.34
CA CYS B 59 -17.04 16.74 -22.08
C CYS B 59 -17.07 16.49 -20.59
N GLY B 60 -18.12 15.89 -20.04
CA GLY B 60 -18.13 15.76 -18.57
C GLY B 60 -17.23 14.60 -18.09
N GLY B 61 -16.89 13.73 -19.03
CA GLY B 61 -15.90 12.68 -18.73
C GLY B 61 -16.16 11.43 -19.57
N LEU B 62 -15.13 10.64 -19.80
CA LEU B 62 -15.20 9.47 -20.69
C LEU B 62 -14.60 8.19 -20.04
N ASN B 63 -15.31 7.10 -20.17
CA ASN B 63 -14.74 5.80 -19.98
C ASN B 63 -14.04 5.37 -21.23
N VAL B 64 -12.99 4.55 -21.10
CA VAL B 64 -12.19 4.11 -22.28
C VAL B 64 -12.14 2.56 -22.34
N THR B 65 -12.47 2.01 -23.50
CA THR B 65 -12.35 0.58 -23.64
C THR B 65 -11.48 0.22 -24.84
N ILE B 66 -11.47 -1.07 -25.11
CA ILE B 66 -10.67 -1.67 -26.16
C ILE B 66 -10.89 -0.96 -27.52
N PRO B 67 -9.80 -0.66 -28.23
CA PRO B 67 -8.44 -1.03 -27.86
C PRO B 67 -7.60 0.14 -27.46
N TYR B 68 -8.14 1.07 -26.66
CA TYR B 68 -7.43 2.34 -26.37
C TYR B 68 -6.96 2.50 -24.94
N LYS B 69 -7.24 1.53 -24.04
CA LYS B 69 -6.86 1.70 -22.64
C LYS B 69 -5.39 1.95 -22.48
N VAL B 70 -4.56 1.28 -23.26
CA VAL B 70 -3.15 1.69 -23.29
C VAL B 70 -2.83 2.94 -24.15
N GLU B 71 -3.27 2.95 -25.42
CA GLU B 71 -2.98 4.10 -26.32
C GLU B 71 -3.45 5.45 -25.76
N VAL B 72 -4.62 5.51 -25.13
CA VAL B 72 -5.08 6.83 -24.65
C VAL B 72 -4.07 7.48 -23.71
N MET B 73 -3.27 6.67 -23.05
CA MET B 73 -2.33 7.27 -22.10
C MET B 73 -1.36 8.29 -22.74
N LYS B 74 -1.17 8.28 -24.06
CA LYS B 74 -0.27 9.30 -24.63
C LYS B 74 -0.83 10.70 -24.39
N GLU B 75 -2.16 10.82 -24.48
CA GLU B 75 -2.82 12.13 -24.50
C GLU B 75 -3.05 12.72 -23.11
N LEU B 76 -2.58 12.07 -22.05
CA LEU B 76 -2.89 12.56 -20.69
C LEU B 76 -1.83 13.50 -20.12
N TYR B 77 -2.19 14.45 -19.26
CA TYR B 77 -1.16 15.26 -18.61
C TYR B 77 -0.84 14.77 -17.22
N GLU B 78 -1.82 14.21 -16.50
CA GLU B 78 -1.55 13.38 -15.30
C GLU B 78 -2.30 12.01 -15.38
N ILE B 79 -1.79 11.02 -14.63
CA ILE B 79 -2.29 9.62 -14.59
C ILE B 79 -2.09 9.24 -13.10
N SER B 80 -3.14 8.67 -12.47
CA SER B 80 -3.09 8.19 -11.08
C SER B 80 -1.99 7.14 -11.03
N GLU B 81 -1.33 6.99 -9.89
CA GLU B 81 -0.22 6.03 -9.88
C GLU B 81 -0.74 4.60 -9.92
N LYS B 82 -1.97 4.41 -9.48
CA LYS B 82 -2.57 3.10 -9.62
C LYS B 82 -2.80 2.76 -11.09
N ALA B 83 -3.35 3.71 -11.85
CA ALA B 83 -3.52 3.46 -13.28
C ALA B 83 -2.14 3.26 -13.87
N ARG B 84 -1.13 3.96 -13.39
CA ARG B 84 0.18 3.81 -14.03
C ARG B 84 0.86 2.46 -13.75
N LYS B 85 0.53 1.85 -12.61
CA LYS B 85 1.05 0.52 -12.18
C LYS B 85 0.38 -0.60 -12.93
N ILE B 86 -0.93 -0.45 -13.07
CA ILE B 86 -1.70 -1.38 -13.84
C ILE B 86 -1.30 -1.29 -15.29
N GLY B 87 -0.97 -0.11 -15.77
CA GLY B 87 -0.61 0.05 -17.18
C GLY B 87 -1.81 0.28 -18.11
N ALA B 88 -2.94 0.77 -17.59
CA ALA B 88 -4.13 0.95 -18.42
C ALA B 88 -5.01 1.99 -17.78
N VAL B 89 -5.63 2.80 -18.63
CA VAL B 89 -6.62 3.81 -18.22
C VAL B 89 -8.00 3.47 -18.79
N ASN B 90 -9.02 3.37 -17.93
CA ASN B 90 -10.38 3.22 -18.46
C ASN B 90 -11.29 4.42 -18.13
N THR B 91 -10.71 5.47 -17.52
CA THR B 91 -11.46 6.65 -17.08
C THR B 91 -10.70 7.93 -17.35
N LEU B 92 -11.38 8.90 -17.99
CA LEU B 92 -10.76 10.16 -18.35
C LEU B 92 -11.48 11.32 -17.69
N LYS B 93 -10.73 12.18 -16.98
CA LYS B 93 -11.30 13.38 -16.38
C LYS B 93 -10.83 14.62 -17.14
N PHE B 94 -11.78 15.42 -17.59
CA PHE B 94 -11.50 16.64 -18.29
C PHE B 94 -11.48 17.82 -17.36
N SER B 95 -10.39 18.58 -17.37
CA SER B 95 -10.33 19.89 -16.70
C SER B 95 -9.73 20.95 -17.65
N ARG B 96 -9.58 22.19 -17.17
CA ARG B 96 -9.01 23.28 -18.01
C ARG B 96 -7.53 22.98 -18.36
N GLU B 97 -6.86 22.32 -17.44
CA GLU B 97 -5.49 21.90 -17.71
C GLU B 97 -5.38 20.67 -18.62
N GLY B 98 -6.44 19.91 -18.80
CA GLY B 98 -6.35 18.80 -19.77
C GLY B 98 -7.08 17.55 -19.35
N ILE B 99 -6.69 16.41 -19.92
CA ILE B 99 -7.34 15.16 -19.58
C ILE B 99 -6.48 14.44 -18.53
N SER B 100 -7.14 14.00 -17.49
CA SER B 100 -6.49 13.25 -16.44
C SER B 100 -7.03 11.79 -16.44
N GLY B 101 -6.12 10.83 -16.23
CA GLY B 101 -6.44 9.40 -16.41
C GLY B 101 -6.50 8.59 -15.13
N PHE B 102 -7.53 7.75 -15.01
CA PHE B 102 -7.71 6.82 -13.88
C PHE B 102 -8.01 5.41 -14.25
N ASN B 103 -8.05 4.53 -13.25
CA ASN B 103 -8.55 3.19 -13.50
C ASN B 103 -9.62 2.76 -12.48
N THR B 104 -10.86 2.72 -12.93
CA THR B 104 -11.93 2.40 -12.04
C THR B 104 -12.29 0.91 -12.17
N ASP B 105 -11.79 0.18 -13.16
CA ASP B 105 -11.93 -1.30 -13.11
C ASP B 105 -11.28 -1.88 -11.79
N TYR B 106 -10.15 -1.29 -11.40
CA TYR B 106 -9.48 -1.64 -10.12
C TYR B 106 -10.39 -1.41 -8.91
N ILE B 107 -11.00 -0.22 -8.85
CA ILE B 107 -11.83 0.15 -7.73
C ILE B 107 -13.05 -0.73 -7.69
N GLY B 108 -13.58 -0.99 -8.86
CA GLY B 108 -14.80 -1.78 -8.95
C GLY B 108 -14.56 -3.27 -8.58
N PHE B 109 -13.44 -3.83 -9.00
CA PHE B 109 -13.16 -5.21 -8.66
C PHE B 109 -13.04 -5.28 -7.12
N GLY B 110 -12.32 -4.33 -6.53
CA GLY B 110 -12.19 -4.24 -5.05
C GLY B 110 -13.54 -4.09 -4.34
N LYS B 111 -14.43 -3.31 -4.93
CA LYS B 111 -15.74 -3.08 -4.27
C LYS B 111 -16.55 -4.37 -4.37
N MET B 112 -16.42 -5.07 -5.48
CA MET B 112 -17.14 -6.32 -5.62
C MET B 112 -16.62 -7.37 -4.58
N LEU B 113 -15.32 -7.46 -4.36
CA LEU B 113 -14.86 -8.56 -3.45
C LEU B 113 -15.17 -8.25 -1.99
N SER B 114 -15.09 -6.97 -1.62
CA SER B 114 -15.49 -6.57 -0.28
C SER B 114 -16.95 -6.81 -0.09
N LYS B 115 -17.77 -6.42 -1.08
CA LYS B 115 -19.21 -6.65 -0.98
C LYS B 115 -19.52 -8.10 -0.70
N PHE B 116 -18.89 -9.01 -1.42
CA PHE B 116 -19.20 -10.43 -1.27
C PHE B 116 -18.26 -11.19 -0.29
N ARG B 117 -17.46 -10.43 0.44
CA ARG B 117 -16.53 -10.93 1.47
C ARG B 117 -15.52 -12.01 0.90
N VAL B 118 -14.90 -11.68 -0.24
CA VAL B 118 -13.94 -12.60 -0.83
C VAL B 118 -12.62 -12.07 -0.32
N GLU B 119 -12.05 -12.79 0.62
CA GLU B 119 -10.73 -12.47 1.07
C GLU B 119 -9.59 -12.83 0.10
N ILE B 120 -8.65 -11.90 -0.04
CA ILE B 120 -7.48 -12.00 -0.85
C ILE B 120 -6.18 -12.14 0.01
N LYS B 121 -6.07 -11.38 1.10
CA LYS B 121 -4.85 -11.44 1.97
C LYS B 121 -4.44 -12.90 2.18
N ASN B 122 -3.23 -13.26 1.77
CA ASN B 122 -2.70 -14.56 2.17
C ASN B 122 -3.45 -15.82 1.72
N ASN B 123 -4.11 -15.72 0.56
CA ASN B 123 -4.83 -16.78 -0.09
C ASN B 123 -4.25 -16.98 -1.46
N ILE B 124 -4.47 -18.16 -2.04
CA ILE B 124 -3.90 -18.48 -3.31
C ILE B 124 -4.93 -18.14 -4.40
N CYS B 125 -4.53 -17.29 -5.35
CA CYS B 125 -5.43 -16.74 -6.31
C CYS B 125 -5.00 -17.10 -7.70
N VAL B 126 -5.96 -17.60 -8.46
CA VAL B 126 -5.74 -18.00 -9.79
C VAL B 126 -6.57 -17.14 -10.73
N VAL B 127 -5.94 -16.60 -11.75
CA VAL B 127 -6.62 -15.76 -12.68
C VAL B 127 -6.61 -16.50 -13.99
N LEU B 128 -7.79 -16.71 -14.58
CA LEU B 128 -7.84 -17.37 -15.88
C LEU B 128 -7.90 -16.31 -17.00
N GLY B 129 -6.95 -16.33 -17.96
CA GLY B 129 -6.95 -15.38 -19.06
C GLY B 129 -5.96 -14.31 -18.72
N SER B 130 -5.20 -13.83 -19.70
CA SER B 130 -4.18 -12.81 -19.39
C SER B 130 -4.45 -11.64 -20.32
N GLY B 131 -5.73 -11.49 -20.64
CA GLY B 131 -6.29 -10.30 -21.29
C GLY B 131 -7.56 -9.89 -20.54
N GLY B 132 -8.50 -9.21 -21.20
CA GLY B 132 -9.55 -8.55 -20.47
C GLY B 132 -8.96 -7.71 -19.32
N ALA B 133 -9.78 -7.38 -18.33
CA ALA B 133 -9.18 -6.70 -17.22
C ALA B 133 -8.45 -7.74 -16.41
N ALA B 134 -7.62 -8.59 -17.03
CA ALA B 134 -6.69 -9.34 -16.20
C ALA B 134 -5.70 -8.38 -15.52
N ARG B 135 -5.33 -7.32 -16.23
CA ARG B 135 -4.38 -6.32 -15.66
C ARG B 135 -4.75 -5.68 -14.30
N ALA B 136 -5.96 -5.14 -14.16
CA ALA B 136 -6.38 -4.47 -12.94
C ALA B 136 -6.58 -5.47 -11.80
N VAL B 137 -7.11 -6.65 -12.15
CA VAL B 137 -7.29 -7.73 -11.20
C VAL B 137 -5.94 -8.09 -10.64
N LEU B 138 -4.96 -8.24 -11.53
CA LEU B 138 -3.65 -8.67 -11.08
C LEU B 138 -2.97 -7.63 -10.20
N GLN B 139 -3.00 -6.36 -10.61
CA GLN B 139 -2.55 -5.35 -9.69
C GLN B 139 -3.23 -5.42 -8.33
N TYR B 140 -4.54 -5.65 -8.30
CA TYR B 140 -5.26 -5.65 -7.05
C TYR B 140 -4.85 -6.85 -6.12
N LEU B 141 -4.71 -8.00 -6.70
CA LEU B 141 -4.25 -9.16 -5.94
C LEU B 141 -2.89 -8.90 -5.26
N LYS B 142 -1.94 -8.39 -6.01
CA LYS B 142 -0.66 -8.02 -5.44
C LYS B 142 -0.82 -6.92 -4.38
N ASP B 143 -1.56 -5.84 -4.69
CA ASP B 143 -1.72 -4.80 -3.67
C ASP B 143 -2.31 -5.32 -2.40
N ASN B 144 -3.02 -6.44 -2.48
CA ASN B 144 -3.67 -6.87 -1.31
C ASN B 144 -3.05 -8.12 -0.72
N PHE B 145 -1.80 -8.35 -1.10
CA PHE B 145 -0.96 -9.36 -0.47
C PHE B 145 -1.51 -10.78 -0.58
N ALA B 146 -1.96 -11.18 -1.78
CA ALA B 146 -2.29 -12.59 -2.07
C ALA B 146 -1.10 -13.45 -1.65
N LYS B 147 -1.29 -14.70 -1.28
CA LYS B 147 -0.15 -15.54 -0.93
C LYS B 147 0.57 -15.86 -2.20
N ASP B 148 -0.20 -16.19 -3.24
CA ASP B 148 0.36 -16.53 -4.51
C ASP B 148 -0.63 -16.21 -5.61
N ILE B 149 -0.09 -16.05 -6.80
CA ILE B 149 -0.88 -15.65 -7.95
C ILE B 149 -0.46 -16.48 -9.15
N TYR B 150 -1.43 -17.08 -9.83
CA TYR B 150 -1.18 -17.81 -11.01
C TYR B 150 -2.02 -17.19 -12.08
N VAL B 151 -1.45 -17.10 -13.27
CA VAL B 151 -2.19 -16.69 -14.48
C VAL B 151 -2.15 -17.89 -15.41
N VAL B 152 -3.33 -18.32 -15.85
CA VAL B 152 -3.50 -19.50 -16.68
C VAL B 152 -3.88 -19.04 -18.09
N THR B 153 -3.15 -19.56 -19.08
CA THR B 153 -3.27 -19.17 -20.48
C THR B 153 -3.34 -20.41 -21.37
N ARG B 154 -4.12 -20.31 -22.47
CA ARG B 154 -4.13 -21.31 -23.54
C ARG B 154 -2.70 -21.61 -24.06
N ASN B 155 -1.83 -20.60 -24.03
CA ASN B 155 -0.50 -20.76 -24.57
C ASN B 155 0.60 -19.98 -23.81
N PRO B 156 1.28 -20.64 -22.85
CA PRO B 156 2.27 -19.95 -22.05
C PRO B 156 3.43 -19.43 -22.90
N GLU B 157 3.58 -19.87 -24.15
CA GLU B 157 4.64 -19.35 -25.02
C GLU B 157 4.23 -18.04 -25.74
N LYS B 158 2.96 -17.66 -25.61
CA LYS B 158 2.51 -16.49 -26.30
C LYS B 158 3.21 -15.30 -25.65
N GLU B 165 5.90 -11.30 -13.95
CA GLU B 165 5.64 -10.84 -12.59
C GLU B 165 5.06 -11.95 -11.69
N PHE B 166 4.24 -12.85 -12.25
CA PHE B 166 3.48 -13.85 -11.48
C PHE B 166 3.77 -15.17 -12.09
N LYS B 167 3.19 -16.24 -11.55
CA LYS B 167 3.41 -17.56 -12.14
C LYS B 167 2.46 -17.73 -13.32
N VAL B 168 2.98 -18.17 -14.46
CA VAL B 168 2.13 -18.31 -15.62
C VAL B 168 2.07 -19.81 -15.89
N ILE B 169 0.91 -20.33 -16.31
CA ILE B 169 0.80 -21.76 -16.48
C ILE B 169 -0.30 -22.13 -17.45
N SER B 170 -0.30 -23.40 -17.86
CA SER B 170 -1.26 -23.90 -18.75
C SER B 170 -2.44 -24.45 -17.94
N TYR B 171 -3.52 -24.74 -18.64
CA TYR B 171 -4.71 -25.32 -18.01
C TYR B 171 -4.39 -26.72 -17.55
N ASP B 172 -3.65 -27.45 -18.38
CA ASP B 172 -3.08 -28.73 -17.97
C ASP B 172 -2.43 -28.69 -16.59
N GLU B 173 -1.60 -27.70 -16.30
CA GLU B 173 -1.00 -27.53 -14.96
C GLU B 173 -2.00 -27.06 -13.89
N LEU B 174 -2.99 -26.28 -14.36
CA LEU B 174 -3.99 -25.77 -13.42
C LEU B 174 -4.66 -27.00 -12.84
N SER B 175 -4.87 -28.03 -13.62
CA SER B 175 -5.57 -29.17 -13.01
C SER B 175 -4.86 -29.91 -11.89
N ASN B 176 -3.56 -29.78 -11.71
CA ASN B 176 -2.99 -30.30 -10.45
C ASN B 176 -3.08 -29.36 -9.27
N LEU B 177 -3.84 -28.28 -9.38
CA LEU B 177 -3.72 -27.26 -8.35
C LEU B 177 -4.94 -27.00 -7.47
N LYS B 178 -4.71 -26.90 -6.17
CA LYS B 178 -5.75 -26.49 -5.30
C LYS B 178 -5.46 -25.06 -4.77
N GLY B 179 -6.43 -24.15 -4.86
CA GLY B 179 -6.20 -22.82 -4.30
C GLY B 179 -7.45 -22.27 -3.63
N ASP B 180 -7.43 -20.99 -3.31
CA ASP B 180 -8.55 -20.40 -2.60
C ASP B 180 -9.51 -19.62 -3.52
N VAL B 181 -8.98 -18.72 -4.36
CA VAL B 181 -9.83 -17.90 -5.24
C VAL B 181 -9.56 -18.15 -6.71
N ILE B 182 -10.61 -18.52 -7.42
CA ILE B 182 -10.49 -18.66 -8.83
C ILE B 182 -11.29 -17.58 -9.61
N ILE B 183 -10.60 -16.88 -10.50
CA ILE B 183 -11.22 -15.74 -11.20
C ILE B 183 -11.19 -15.88 -12.71
N ASN B 184 -12.37 -15.81 -13.28
CA ASN B 184 -12.47 -15.82 -14.72
C ASN B 184 -12.33 -14.45 -15.39
N CYS B 185 -11.22 -14.23 -16.13
CA CYS B 185 -11.18 -13.10 -17.05
C CYS B 185 -11.19 -13.49 -18.54
N THR B 186 -11.69 -14.68 -18.92
CA THR B 186 -11.74 -15.07 -20.32
C THR B 186 -13.13 -14.73 -20.85
N PRO B 187 -13.31 -14.71 -22.19
CA PRO B 187 -14.63 -14.52 -22.73
C PRO B 187 -15.42 -15.84 -22.76
N LYS B 188 -14.90 -16.93 -22.21
CA LYS B 188 -15.70 -18.13 -22.16
C LYS B 188 -16.86 -18.08 -21.21
N GLY B 189 -18.06 -18.41 -21.70
CA GLY B 189 -19.22 -18.29 -20.82
C GLY B 189 -20.15 -17.17 -21.19
N MET B 190 -19.67 -16.23 -21.97
CA MET B 190 -20.53 -15.15 -22.39
C MET B 190 -20.82 -15.38 -23.88
N TYR B 191 -21.95 -14.92 -24.35
CA TYR B 191 -22.24 -15.06 -25.81
C TYR B 191 -21.01 -14.56 -26.61
N PRO B 192 -20.67 -15.24 -27.72
CA PRO B 192 -21.30 -16.47 -28.23
C PRO B 192 -20.79 -17.75 -27.55
N LYS B 193 -20.10 -17.60 -26.42
CA LYS B 193 -19.62 -18.82 -25.74
C LYS B 193 -20.41 -19.22 -24.52
N GLU B 194 -21.70 -19.02 -24.53
CA GLU B 194 -22.57 -19.42 -23.44
C GLU B 194 -22.52 -20.88 -22.97
N GLY B 195 -22.39 -21.81 -23.90
CA GLY B 195 -22.37 -23.22 -23.56
C GLY B 195 -21.10 -23.72 -22.91
N GLU B 196 -20.19 -22.81 -22.53
CA GLU B 196 -18.88 -23.26 -22.09
C GLU B 196 -18.17 -22.53 -20.98
N SER B 197 -17.19 -23.20 -20.43
CA SER B 197 -16.54 -22.74 -19.22
C SER B 197 -15.05 -22.86 -19.51
N PRO B 198 -14.26 -21.85 -19.12
CA PRO B 198 -12.84 -21.99 -19.33
C PRO B 198 -12.27 -23.19 -18.54
N VAL B 199 -12.94 -23.67 -17.50
CA VAL B 199 -12.43 -24.88 -16.81
C VAL B 199 -13.52 -25.87 -16.42
N ASP B 200 -13.06 -27.08 -16.08
CA ASP B 200 -13.96 -28.19 -15.67
C ASP B 200 -14.53 -27.97 -14.30
N LYS B 201 -15.71 -28.53 -14.04
CA LYS B 201 -16.29 -28.45 -12.66
C LYS B 201 -15.31 -28.99 -11.61
N GLU B 202 -14.71 -30.14 -11.92
CA GLU B 202 -13.71 -30.74 -11.06
C GLU B 202 -12.59 -29.72 -10.64
N VAL B 203 -12.16 -28.82 -11.55
CA VAL B 203 -11.22 -27.73 -11.15
C VAL B 203 -11.84 -26.67 -10.17
N VAL B 204 -13.00 -26.16 -10.58
CA VAL B 204 -13.72 -25.17 -9.77
C VAL B 204 -13.91 -25.72 -8.37
N ALA B 205 -14.19 -27.03 -8.25
CA ALA B 205 -14.45 -27.57 -6.89
C ALA B 205 -13.27 -27.45 -5.95
N LYS B 206 -12.07 -27.20 -6.49
CA LYS B 206 -10.89 -27.17 -5.65
C LYS B 206 -10.62 -25.83 -5.08
N PHE B 207 -11.57 -24.91 -5.17
CA PHE B 207 -11.31 -23.55 -4.71
C PHE B 207 -12.36 -23.18 -3.69
N SER B 208 -12.22 -22.07 -2.99
CA SER B 208 -13.30 -21.77 -2.11
C SER B 208 -14.20 -20.58 -2.53
N SER B 209 -13.72 -19.70 -3.45
CA SER B 209 -14.55 -18.70 -4.13
C SER B 209 -14.25 -18.67 -5.61
N ALA B 210 -15.30 -18.59 -6.41
CA ALA B 210 -15.16 -18.49 -7.84
C ALA B 210 -15.73 -17.11 -8.20
N VAL B 211 -14.93 -16.28 -8.87
CA VAL B 211 -15.45 -14.94 -9.34
C VAL B 211 -15.42 -14.92 -10.84
N ASP B 212 -16.52 -14.54 -11.49
CA ASP B 212 -16.52 -14.42 -12.95
C ASP B 212 -16.68 -12.92 -13.24
N LEU B 213 -15.79 -12.30 -14.05
CA LEU B 213 -16.00 -10.88 -14.44
C LEU B 213 -17.22 -10.76 -15.39
N ILE B 214 -17.65 -11.89 -15.94
CA ILE B 214 -18.79 -11.91 -16.81
C ILE B 214 -20.04 -11.73 -15.95
N TYR B 215 -20.94 -10.88 -16.41
CA TYR B 215 -22.19 -10.66 -15.69
C TYR B 215 -23.38 -10.93 -16.56
N ASN B 216 -23.19 -11.30 -17.81
CA ASN B 216 -24.32 -11.80 -18.59
C ASN B 216 -23.84 -12.99 -19.39
N PRO B 217 -24.40 -14.17 -19.13
CA PRO B 217 -25.53 -14.34 -18.16
C PRO B 217 -25.17 -14.07 -16.70
N VAL B 218 -26.16 -14.02 -15.81
CA VAL B 218 -25.82 -13.65 -14.44
C VAL B 218 -25.27 -14.86 -13.72
N GLU B 219 -25.50 -16.02 -14.30
CA GLU B 219 -24.77 -17.21 -13.86
C GLU B 219 -24.15 -17.96 -15.01
N THR B 220 -22.86 -17.76 -15.27
CA THR B 220 -22.24 -18.55 -16.32
C THR B 220 -22.16 -20.06 -15.93
N LEU B 221 -21.87 -20.91 -16.91
CA LEU B 221 -21.55 -22.31 -16.59
C LEU B 221 -20.50 -22.44 -15.45
N PHE B 222 -19.41 -21.68 -15.51
CA PHE B 222 -18.38 -21.66 -14.48
C PHE B 222 -18.96 -21.38 -13.11
N LEU B 223 -19.86 -20.40 -12.98
CA LEU B 223 -20.46 -20.15 -11.70
C LEU B 223 -21.49 -21.19 -11.26
N LYS B 224 -22.11 -21.88 -12.21
CA LYS B 224 -23.00 -22.96 -11.85
C LYS B 224 -22.20 -24.16 -11.22
N TYR B 225 -21.03 -24.42 -11.81
CA TYR B 225 -20.09 -25.44 -11.31
C TYR B 225 -19.70 -25.11 -9.88
N ALA B 226 -19.38 -23.84 -9.63
CA ALA B 226 -19.09 -23.36 -8.31
C ALA B 226 -20.31 -23.51 -7.37
N ARG B 227 -21.48 -22.99 -7.75
CA ARG B 227 -22.66 -23.23 -6.88
C ARG B 227 -22.78 -24.74 -6.54
N GLU B 228 -22.83 -25.58 -7.56
CA GLU B 228 -23.03 -26.97 -7.32
C GLU B 228 -21.93 -27.63 -6.45
N SER B 229 -20.71 -27.10 -6.42
CA SER B 229 -19.65 -27.76 -5.66
C SER B 229 -19.50 -27.10 -4.28
N GLY B 230 -20.45 -26.32 -3.85
CA GLY B 230 -20.33 -25.67 -2.57
C GLY B 230 -19.33 -24.50 -2.55
N VAL B 231 -18.99 -23.95 -3.73
CA VAL B 231 -18.07 -22.84 -3.82
C VAL B 231 -18.81 -21.47 -3.98
N LYS B 232 -18.37 -20.46 -3.22
CA LYS B 232 -18.96 -19.12 -3.28
C LYS B 232 -18.89 -18.60 -4.76
N ALA B 233 -20.00 -18.15 -5.30
CA ALA B 233 -19.96 -17.82 -6.73
C ALA B 233 -20.32 -16.36 -6.81
N VAL B 234 -19.54 -15.62 -7.58
CA VAL B 234 -19.73 -14.18 -7.61
C VAL B 234 -19.65 -13.73 -9.05
N ASN B 235 -20.67 -13.07 -9.58
CA ASN B 235 -20.56 -12.60 -10.99
C ASN B 235 -20.05 -11.15 -11.09
N GLY B 236 -19.75 -10.64 -12.27
CA GLY B 236 -19.08 -9.35 -12.37
C GLY B 236 -20.05 -8.15 -12.31
N LEU B 237 -21.34 -8.39 -12.05
CA LEU B 237 -22.32 -7.25 -12.07
C LEU B 237 -22.00 -6.15 -11.03
N TYR B 238 -21.73 -6.52 -9.77
CA TYR B 238 -21.43 -5.51 -8.78
C TYR B 238 -20.20 -4.69 -9.18
N MET B 239 -19.24 -5.35 -9.83
CA MET B 239 -18.03 -4.65 -10.24
C MET B 239 -18.39 -3.67 -11.35
N LEU B 240 -19.19 -4.09 -12.29
CA LEU B 240 -19.55 -3.16 -13.37
C LEU B 240 -20.34 -1.98 -12.80
N VAL B 241 -21.30 -2.19 -11.89
CA VAL B 241 -22.00 -1.03 -11.34
C VAL B 241 -21.08 -0.13 -10.53
N SER B 242 -20.19 -0.74 -9.70
CA SER B 242 -19.17 0.07 -8.90
C SER B 242 -18.17 0.86 -9.70
N GLN B 243 -17.75 0.32 -10.81
CA GLN B 243 -16.82 1.05 -11.67
C GLN B 243 -17.50 2.30 -12.30
N ALA B 244 -18.81 2.18 -12.65
CA ALA B 244 -19.57 3.30 -13.22
C ALA B 244 -19.67 4.35 -12.16
N ALA B 245 -20.05 3.93 -10.96
CA ALA B 245 -20.18 4.89 -9.90
C ALA B 245 -18.85 5.51 -9.58
N ALA B 246 -17.78 4.71 -9.47
CA ALA B 246 -16.47 5.31 -9.17
C ALA B 246 -16.12 6.35 -10.28
N SER B 247 -16.42 6.06 -11.53
CA SER B 247 -16.20 7.01 -12.62
C SER B 247 -16.94 8.33 -12.39
N GLU B 248 -18.21 8.23 -12.01
CA GLU B 248 -19.07 9.41 -11.78
C GLU B 248 -18.58 10.29 -10.60
N GLU B 249 -18.04 9.64 -9.57
CA GLU B 249 -17.49 10.30 -8.40
C GLU B 249 -16.26 11.05 -8.86
N ILE B 250 -15.42 10.40 -9.64
CA ILE B 250 -14.28 11.14 -10.20
C ILE B 250 -14.73 12.30 -11.12
N TRP B 251 -15.74 12.10 -11.98
CA TRP B 251 -15.97 13.18 -12.98
C TRP B 251 -16.65 14.32 -12.25
N ASN B 252 -17.49 13.97 -11.25
CA ASN B 252 -18.38 14.98 -10.66
C ASN B 252 -17.87 15.47 -9.30
N ASP B 253 -16.72 14.93 -8.90
CA ASP B 253 -16.11 15.19 -7.60
C ASP B 253 -17.19 15.16 -6.57
N ILE B 254 -17.77 13.98 -6.40
CA ILE B 254 -18.83 13.76 -5.45
C ILE B 254 -18.57 12.41 -4.82
N SER B 255 -19.41 12.08 -3.86
CA SER B 255 -19.39 10.83 -3.19
C SER B 255 -20.74 10.21 -3.42
N ILE B 256 -20.74 8.93 -3.75
CA ILE B 256 -21.98 8.25 -4.04
C ILE B 256 -22.16 7.18 -3.04
N ASP B 257 -23.32 7.13 -2.40
CA ASP B 257 -23.52 6.18 -1.32
C ASP B 257 -23.74 4.78 -1.88
N GLU B 258 -23.34 3.80 -1.08
CA GLU B 258 -23.37 2.41 -1.45
C GLU B 258 -24.80 2.00 -1.71
N ILE B 259 -25.73 2.64 -1.01
CA ILE B 259 -27.16 2.40 -1.25
C ILE B 259 -27.48 2.53 -2.71
N ILE B 260 -26.96 3.58 -3.36
CA ILE B 260 -27.34 3.79 -4.77
C ILE B 260 -26.78 2.67 -5.59
N VAL B 261 -25.47 2.43 -5.44
CA VAL B 261 -24.83 1.27 -6.06
C VAL B 261 -25.63 0.05 -5.83
N ASP B 262 -26.05 -0.22 -4.60
CA ASP B 262 -26.89 -1.42 -4.34
C ASP B 262 -28.24 -1.37 -5.09
N GLU B 263 -28.84 -0.20 -5.18
CA GLU B 263 -30.11 -0.08 -5.91
C GLU B 263 -29.98 -0.41 -7.42
N ILE B 264 -28.94 0.10 -8.09
CA ILE B 264 -28.81 -0.09 -9.52
C ILE B 264 -28.41 -1.51 -9.75
N PHE B 265 -27.63 -2.06 -8.81
CA PHE B 265 -27.23 -3.45 -8.95
C PHE B 265 -28.43 -4.33 -9.10
N GLU B 266 -29.46 -4.10 -8.25
CA GLU B 266 -30.65 -4.96 -8.29
C GLU B 266 -31.49 -4.79 -9.56
N VAL B 267 -31.63 -3.55 -10.05
CA VAL B 267 -32.30 -3.30 -11.34
C VAL B 267 -31.68 -4.05 -12.49
N LEU B 268 -30.36 -3.95 -12.60
CA LEU B 268 -29.67 -4.51 -13.76
C LEU B 268 -29.74 -6.02 -13.60
N GLU B 269 -29.70 -6.47 -12.36
CA GLU B 269 -29.76 -7.91 -12.13
C GLU B 269 -31.02 -8.51 -12.68
N GLU B 270 -32.14 -7.81 -12.47
CA GLU B 270 -33.44 -8.29 -13.00
C GLU B 270 -33.52 -8.10 -14.50
N LYS B 271 -33.03 -6.98 -15.00
CA LYS B 271 -33.08 -6.78 -16.42
C LYS B 271 -32.26 -7.87 -17.14
N ILE B 272 -31.00 -8.04 -16.73
CA ILE B 272 -30.18 -9.15 -17.33
C ILE B 272 -30.88 -10.51 -17.39
N LYS B 273 -31.41 -10.98 -16.29
CA LYS B 273 -32.17 -12.22 -16.35
C LYS B 273 -33.33 -12.19 -17.35
N SER B 274 -34.11 -11.11 -17.41
CA SER B 274 -35.28 -11.14 -18.28
C SER B 274 -34.83 -11.56 -19.63
N GLU B 275 -33.69 -11.04 -20.06
CA GLU B 275 -33.29 -11.08 -21.48
C GLU B 275 -33.11 -12.48 -22.08
N LEU C 3 11.59 -16.33 18.53
CA LEU C 3 11.74 -17.18 19.77
C LEU C 3 13.16 -17.02 20.42
N ASN C 4 13.29 -16.55 21.65
CA ASN C 4 14.63 -16.51 22.21
C ASN C 4 15.42 -17.83 22.10
N THR C 5 16.73 -17.76 21.92
CA THR C 5 17.54 -18.94 22.16
C THR C 5 17.72 -19.13 23.69
N SER C 6 17.39 -20.30 24.20
CA SER C 6 17.64 -20.59 25.61
C SER C 6 19.13 -20.64 25.90
N ILE C 7 19.55 -19.99 27.00
CA ILE C 7 20.93 -19.93 27.35
C ILE C 7 21.26 -20.79 28.55
N TYR C 8 22.27 -21.65 28.41
CA TYR C 8 22.69 -22.52 29.54
C TYR C 8 24.18 -22.35 29.60
N GLY C 9 24.85 -22.91 30.60
CA GLY C 9 26.25 -22.91 30.62
C GLY C 9 26.77 -23.41 31.98
N LEU C 10 28.08 -23.22 32.15
CA LEU C 10 28.84 -23.66 33.29
C LEU C 10 29.41 -22.38 33.90
N ILE C 11 29.15 -22.10 35.16
CA ILE C 11 29.77 -20.92 35.78
C ILE C 11 30.91 -21.38 36.72
N GLY C 12 32.05 -20.74 36.59
CA GLY C 12 33.23 -21.06 37.41
C GLY C 12 34.22 -19.91 37.34
N GLU C 13 35.39 -20.09 37.92
CA GLU C 13 36.26 -18.91 38.12
C GLU C 13 37.23 -18.82 37.02
N LYS C 14 37.92 -19.92 36.74
CA LYS C 14 38.80 -20.01 35.58
C LYS C 14 38.48 -21.30 34.83
N LEU C 15 37.86 -21.23 33.65
CA LEU C 15 37.45 -22.45 32.95
C LEU C 15 38.22 -22.75 31.66
N GLY C 16 38.59 -24.01 31.50
CA GLY C 16 39.41 -24.44 30.38
C GLY C 16 38.46 -25.05 29.37
N HIS C 17 38.91 -25.21 28.13
CA HIS C 17 38.13 -25.91 27.10
C HIS C 17 37.61 -27.22 27.68
N SER C 18 36.48 -27.72 27.14
CA SER C 18 36.00 -29.04 27.54
C SER C 18 34.96 -29.60 26.60
N HIS C 19 34.61 -30.86 26.77
CA HIS C 19 33.75 -31.53 25.79
C HIS C 19 32.33 -31.37 26.22
N SER C 20 32.15 -30.54 27.27
CA SER C 20 30.86 -30.22 27.87
C SER C 20 29.81 -29.57 26.98
N SER C 21 30.16 -28.40 26.44
CA SER C 21 29.27 -27.66 25.56
C SER C 21 28.88 -28.53 24.40
N TYR C 22 29.82 -29.36 23.94
CA TYR C 22 29.52 -30.31 22.87
C TYR C 22 28.44 -31.31 23.24
N ILE C 23 28.53 -31.88 24.44
CA ILE C 23 27.50 -32.79 24.93
C ILE C 23 26.13 -32.14 25.03
N HIS C 24 26.08 -30.95 25.61
CA HIS C 24 24.82 -30.30 25.70
C HIS C 24 24.28 -29.97 24.32
N LYS C 25 25.16 -29.70 23.41
CA LYS C 25 24.73 -29.31 22.08
C LYS C 25 24.02 -30.47 21.38
N LEU C 26 24.58 -31.67 21.52
CA LEU C 26 23.96 -32.90 20.98
C LEU C 26 22.68 -33.14 21.69
N ILE C 27 22.62 -32.90 23.00
CA ILE C 27 21.35 -33.13 23.67
C ILE C 27 20.25 -32.17 23.17
N PHE C 28 20.59 -30.89 22.99
CA PHE C 28 19.58 -29.90 22.54
C PHE C 28 19.00 -30.37 21.18
N GLU C 29 19.85 -30.88 20.30
CA GLU C 29 19.32 -31.25 18.98
C GLU C 29 18.49 -32.52 19.12
N LYS C 30 18.90 -33.41 20.00
CA LYS C 30 18.03 -34.57 20.31
C LYS C 30 16.61 -34.29 20.80
N VAL C 31 16.43 -33.33 21.70
CA VAL C 31 15.17 -33.17 22.37
C VAL C 31 14.42 -31.94 21.85
N GLY C 32 14.96 -31.35 20.79
CA GLY C 32 14.30 -30.23 20.14
C GLY C 32 14.42 -28.91 20.91
N ILE C 33 15.57 -28.64 21.56
CA ILE C 33 15.78 -27.31 22.22
C ILE C 33 16.63 -26.41 21.34
N LYS C 34 16.16 -25.19 21.04
CA LYS C 34 17.11 -24.17 20.54
C LYS C 34 17.83 -23.59 21.75
N GLY C 35 19.12 -23.83 21.90
CA GLY C 35 19.77 -23.34 23.10
C GLY C 35 21.22 -23.26 22.85
N ILE C 36 21.99 -22.73 23.79
CA ILE C 36 23.45 -22.74 23.63
C ILE C 36 23.93 -23.08 25.02
N TYR C 37 25.17 -23.52 25.14
CA TYR C 37 25.74 -23.86 26.45
C TYR C 37 27.15 -23.21 26.47
N ASN C 38 27.35 -22.14 27.24
CA ASN C 38 28.58 -21.40 27.22
C ASN C 38 29.33 -21.65 28.52
N LEU C 39 30.67 -21.50 28.52
CA LEU C 39 31.45 -21.40 29.76
C LEU C 39 31.57 -19.91 30.18
N PHE C 40 31.04 -19.58 31.37
CA PHE C 40 30.97 -18.25 31.86
C PHE C 40 32.01 -18.11 33.02
N GLU C 41 33.12 -17.43 32.81
CA GLU C 41 34.06 -17.16 33.93
C GLU C 41 33.59 -15.99 34.70
N VAL C 42 33.31 -16.21 35.97
CA VAL C 42 32.82 -15.18 36.82
C VAL C 42 33.71 -15.04 38.08
N PRO C 43 34.14 -13.78 38.42
CA PRO C 43 34.89 -13.48 39.66
C PRO C 43 34.09 -13.82 40.87
N LYS C 44 34.78 -14.31 41.90
CA LYS C 44 34.11 -14.68 43.13
C LYS C 44 33.24 -13.55 43.70
N GLU C 45 33.66 -12.30 43.51
CA GLU C 45 32.86 -11.24 44.07
C GLU C 45 31.58 -10.97 43.28
N LYS C 46 31.45 -11.55 42.10
CA LYS C 46 30.27 -11.29 41.29
C LYS C 46 29.35 -12.49 41.19
N LEU C 47 29.65 -13.52 41.98
CA LEU C 47 28.89 -14.75 41.92
C LEU C 47 27.42 -14.44 42.11
N LYS C 48 27.07 -13.82 43.22
CA LYS C 48 25.65 -13.54 43.50
C LYS C 48 24.95 -12.63 42.51
N GLU C 49 25.54 -11.50 42.19
CA GLU C 49 24.93 -10.64 41.17
C GLU C 49 24.79 -11.41 39.81
N SER C 50 25.79 -12.22 39.48
CA SER C 50 25.80 -12.92 38.19
C SER C 50 24.65 -13.93 38.11
N VAL C 51 24.46 -14.71 39.16
CA VAL C 51 23.36 -15.68 39.09
C VAL C 51 21.96 -15.05 39.23
N ASP C 52 21.89 -13.84 39.82
CA ASP C 52 20.64 -13.07 39.92
C ASP C 52 20.23 -12.56 38.57
N THR C 53 21.20 -12.08 37.79
CA THR C 53 20.90 -11.70 36.40
C THR C 53 20.40 -12.89 35.57
N PHE C 54 21.09 -14.01 35.69
CA PHE C 54 20.68 -15.24 34.97
C PHE C 54 19.27 -15.59 35.30
N LYS C 55 18.91 -15.54 36.59
CA LYS C 55 17.50 -15.71 36.93
C LYS C 55 16.65 -14.70 36.17
N ILE C 56 16.96 -13.42 36.30
CA ILE C 56 16.18 -12.32 35.71
C ILE C 56 15.96 -12.48 34.21
N ILE C 57 17.03 -12.81 33.51
CA ILE C 57 16.95 -13.08 32.09
C ILE C 57 16.44 -14.49 31.77
N LYS C 58 15.89 -15.22 32.74
CA LYS C 58 15.27 -16.50 32.40
C LYS C 58 16.24 -17.48 31.74
N CYS C 59 17.43 -17.60 32.31
CA CYS C 59 18.43 -18.62 31.97
C CYS C 59 17.79 -20.00 31.90
N GLY C 60 18.27 -20.86 31.00
CA GLY C 60 17.66 -22.18 30.90
C GLY C 60 18.12 -23.06 32.05
N GLY C 61 19.34 -22.81 32.54
CA GLY C 61 19.98 -23.65 33.57
C GLY C 61 21.50 -23.48 33.63
N LEU C 62 22.07 -23.62 34.81
CA LEU C 62 23.51 -23.50 34.96
C LEU C 62 24.13 -24.67 35.67
N ASN C 63 25.28 -25.15 35.20
CA ASN C 63 26.11 -26.00 36.05
C ASN C 63 27.11 -25.12 36.80
N VAL C 64 27.61 -25.63 37.92
CA VAL C 64 28.53 -24.88 38.78
C VAL C 64 29.76 -25.70 38.99
N THR C 65 30.89 -25.10 38.76
CA THR C 65 32.11 -25.82 39.08
C THR C 65 32.92 -24.99 40.10
N ILE C 66 34.22 -25.25 40.20
CA ILE C 66 35.00 -24.60 41.25
C ILE C 66 35.15 -23.12 41.00
N PRO C 67 35.28 -22.34 42.09
CA PRO C 67 35.20 -22.91 43.41
C PRO C 67 33.91 -22.43 44.05
N TYR C 68 32.76 -22.78 43.49
CA TYR C 68 31.51 -22.19 43.95
C TYR C 68 30.48 -23.25 44.22
N LYS C 69 30.90 -24.51 44.11
CA LYS C 69 29.99 -25.63 44.42
C LYS C 69 29.45 -25.44 45.82
N VAL C 70 30.32 -25.04 46.71
CA VAL C 70 29.81 -24.72 48.04
C VAL C 70 29.26 -23.29 48.14
N GLU C 71 30.04 -22.28 47.74
CA GLU C 71 29.56 -20.88 47.86
C GLU C 71 28.09 -20.62 47.42
N VAL C 72 27.76 -21.01 46.18
CA VAL C 72 26.49 -20.70 45.53
C VAL C 72 25.27 -21.18 46.32
N MET C 73 25.49 -22.14 47.21
CA MET C 73 24.38 -22.67 47.94
C MET C 73 23.63 -21.54 48.67
N LYS C 74 24.30 -20.42 48.96
CA LYS C 74 23.62 -19.31 49.67
C LYS C 74 22.60 -18.57 48.82
N GLU C 75 22.69 -18.72 47.51
CA GLU C 75 21.73 -18.11 46.63
C GLU C 75 20.47 -18.97 46.40
N LEU C 76 20.38 -20.13 47.04
CA LEU C 76 19.29 -21.04 46.72
C LEU C 76 18.17 -20.88 47.73
N TYR C 77 16.94 -21.17 47.32
CA TYR C 77 15.79 -21.25 48.22
C TYR C 77 15.34 -22.69 48.43
N GLU C 78 16.01 -23.63 47.78
CA GLU C 78 15.60 -25.04 47.81
C GLU C 78 16.76 -25.91 47.33
N ILE C 79 17.11 -26.89 48.13
CA ILE C 79 18.20 -27.74 47.74
C ILE C 79 17.67 -29.17 47.79
N SER C 80 18.22 -30.06 46.97
CA SER C 80 17.85 -31.47 47.07
C SER C 80 18.47 -32.10 48.29
N GLU C 81 17.84 -33.15 48.79
CA GLU C 81 18.34 -33.88 49.99
C GLU C 81 19.75 -34.38 49.75
N LYS C 82 19.96 -35.01 48.62
CA LYS C 82 21.29 -35.48 48.23
C LYS C 82 22.35 -34.40 48.11
N ALA C 83 22.03 -33.29 47.43
CA ALA C 83 23.02 -32.19 47.31
C ALA C 83 23.36 -31.64 48.68
N ARG C 84 22.36 -31.65 49.55
CA ARG C 84 22.50 -31.22 50.95
C ARG C 84 23.42 -32.14 51.71
N LYS C 85 23.23 -33.44 51.60
CA LYS C 85 24.09 -34.34 52.34
C LYS C 85 25.43 -34.33 51.76
N ILE C 86 25.52 -34.06 50.47
CA ILE C 86 26.84 -34.08 49.85
C ILE C 86 27.58 -32.84 50.23
N GLY C 87 26.85 -31.76 50.46
CA GLY C 87 27.50 -30.50 50.75
C GLY C 87 27.97 -29.67 49.58
N ALA C 88 27.37 -29.83 48.41
CA ALA C 88 27.83 -29.13 47.21
C ALA C 88 26.81 -29.22 46.08
N VAL C 89 26.61 -28.11 45.39
CA VAL C 89 25.63 -28.05 44.31
C VAL C 89 26.44 -27.89 43.01
N ASN C 90 26.08 -28.66 41.96
CA ASN C 90 26.72 -28.48 40.66
C ASN C 90 25.71 -28.12 39.56
N THR C 91 24.42 -28.04 39.90
CA THR C 91 23.38 -27.79 38.95
C THR C 91 22.36 -26.76 39.50
N LEU C 92 22.10 -25.68 38.76
CA LEU C 92 21.13 -24.65 39.20
C LEU C 92 19.91 -24.67 38.31
N LYS C 93 18.73 -24.85 38.89
CA LYS C 93 17.41 -24.70 38.21
C LYS C 93 16.80 -23.33 38.53
N PHE C 94 16.45 -22.57 37.49
CA PHE C 94 15.83 -21.26 37.66
C PHE C 94 14.33 -21.31 37.49
N SER C 95 13.62 -20.63 38.38
CA SER C 95 12.16 -20.52 38.29
C SER C 95 11.64 -19.27 38.99
N ARG C 96 10.33 -19.06 38.85
CA ARG C 96 9.69 -17.84 39.29
C ARG C 96 10.22 -17.48 40.67
N GLU C 97 10.33 -18.50 41.55
CA GLU C 97 10.69 -18.31 42.94
C GLU C 97 12.09 -17.81 43.11
N GLY C 98 13.00 -18.38 42.29
CA GLY C 98 14.42 -18.22 42.54
C GLY C 98 15.17 -19.47 42.07
N ILE C 99 16.40 -19.64 42.55
CA ILE C 99 17.30 -20.67 42.04
C ILE C 99 17.12 -21.93 42.87
N SER C 100 17.07 -23.08 42.22
CA SER C 100 16.99 -24.32 42.95
C SER C 100 18.29 -25.13 42.78
N GLY C 101 18.67 -25.94 43.77
CA GLY C 101 19.97 -26.61 43.72
C GLY C 101 20.06 -28.12 43.69
N PHE C 102 20.92 -28.69 42.82
CA PHE C 102 20.96 -30.17 42.68
C PHE C 102 22.40 -30.64 42.55
N ASN C 103 22.67 -31.93 42.65
CA ASN C 103 24.00 -32.40 42.36
C ASN C 103 23.88 -33.52 41.36
N THR C 104 24.29 -33.26 40.13
CA THR C 104 24.13 -34.27 39.13
C THR C 104 25.41 -35.10 39.01
N ASP C 105 26.49 -34.71 39.71
CA ASP C 105 27.71 -35.58 39.67
C ASP C 105 27.41 -36.92 40.25
N TYR C 106 26.58 -36.89 41.30
CA TYR C 106 26.14 -38.06 42.04
C TYR C 106 25.34 -38.99 41.14
N ILE C 107 24.38 -38.42 40.41
CA ILE C 107 23.58 -39.24 39.48
C ILE C 107 24.49 -39.87 38.44
N GLY C 108 25.31 -39.02 37.85
CA GLY C 108 26.20 -39.38 36.74
C GLY C 108 27.13 -40.55 37.06
N PHE C 109 27.69 -40.51 38.26
CA PHE C 109 28.57 -41.52 38.80
C PHE C 109 27.77 -42.80 39.01
N GLY C 110 26.56 -42.71 39.58
CA GLY C 110 25.66 -43.86 39.68
C GLY C 110 25.30 -44.52 38.35
N LYS C 111 25.09 -43.71 37.30
CA LYS C 111 24.75 -44.29 36.01
C LYS C 111 25.90 -45.01 35.34
N MET C 112 27.09 -44.45 35.46
CA MET C 112 28.31 -45.00 34.96
C MET C 112 28.49 -46.40 35.57
N LEU C 113 28.49 -46.50 36.91
CA LEU C 113 28.73 -47.79 37.60
C LEU C 113 27.68 -48.87 37.29
N SER C 114 26.38 -48.51 37.24
CA SER C 114 25.38 -49.48 36.86
C SER C 114 25.59 -49.86 35.39
N LYS C 115 25.92 -48.87 34.57
CA LYS C 115 26.13 -49.20 33.18
C LYS C 115 27.23 -50.27 33.08
N PHE C 116 28.39 -50.09 33.71
CA PHE C 116 29.48 -51.06 33.48
C PHE C 116 29.46 -52.20 34.52
N ARG C 117 28.37 -52.28 35.26
CA ARG C 117 28.17 -53.34 36.19
C ARG C 117 29.22 -53.43 37.28
N VAL C 118 29.65 -52.28 37.80
CA VAL C 118 30.54 -52.23 38.96
C VAL C 118 29.69 -52.23 40.21
N GLU C 119 29.77 -53.30 41.01
CA GLU C 119 28.90 -53.41 42.20
C GLU C 119 29.55 -52.75 43.38
N ILE C 120 28.73 -52.25 44.28
CA ILE C 120 29.23 -51.44 45.38
C ILE C 120 28.87 -52.06 46.71
N LYS C 121 27.68 -52.68 46.80
CA LYS C 121 27.19 -53.28 48.09
C LYS C 121 28.07 -54.42 48.53
N ASN C 122 28.47 -54.38 49.78
CA ASN C 122 29.35 -55.39 50.37
C ASN C 122 30.77 -55.31 49.91
N ASN C 123 31.11 -54.33 49.06
CA ASN C 123 32.48 -54.22 48.54
C ASN C 123 33.36 -53.19 49.23
N ILE C 124 34.64 -53.50 49.35
CA ILE C 124 35.61 -52.56 49.90
C ILE C 124 36.03 -51.56 48.79
N CYS C 125 35.86 -50.25 49.04
CA CYS C 125 36.02 -49.24 48.01
C CYS C 125 36.99 -48.17 48.47
N VAL C 126 37.88 -47.78 47.57
CA VAL C 126 38.96 -46.93 47.85
C VAL C 126 38.86 -45.71 46.89
N VAL C 127 38.93 -44.51 47.43
CA VAL C 127 38.90 -43.35 46.62
C VAL C 127 40.27 -42.67 46.74
N LEU C 128 40.92 -42.42 45.62
CA LEU C 128 42.17 -41.67 45.61
C LEU C 128 41.89 -40.14 45.41
N GLY C 129 42.32 -39.30 46.35
CA GLY C 129 42.19 -37.85 46.18
C GLY C 129 40.96 -37.39 46.90
N SER C 130 41.01 -36.18 47.36
CA SER C 130 39.88 -35.62 48.06
C SER C 130 39.22 -34.48 47.30
N GLY C 131 39.74 -34.12 46.11
CA GLY C 131 39.19 -33.03 45.33
C GLY C 131 38.24 -33.45 44.23
N GLY C 132 38.00 -32.55 43.25
CA GLY C 132 37.08 -32.85 42.16
C GLY C 132 35.71 -33.32 42.64
N ALA C 133 35.23 -34.45 42.11
CA ALA C 133 33.96 -35.01 42.46
C ALA C 133 34.03 -35.99 43.66
N ALA C 134 35.15 -36.04 44.37
CA ALA C 134 35.33 -36.97 45.47
C ALA C 134 34.13 -36.98 46.44
N ARG C 135 33.62 -35.81 46.73
CA ARG C 135 32.52 -35.73 47.65
C ARG C 135 31.24 -36.45 47.23
N ALA C 136 30.84 -36.30 45.97
CA ALA C 136 29.64 -36.95 45.47
C ALA C 136 29.85 -38.44 45.45
N VAL C 137 31.06 -38.82 45.05
CA VAL C 137 31.37 -40.25 44.85
C VAL C 137 31.24 -40.87 46.27
N LEU C 138 31.81 -40.20 47.27
CA LEU C 138 31.88 -40.80 48.63
C LEU C 138 30.49 -41.02 49.19
N GLN C 139 29.60 -40.04 49.00
CA GLN C 139 28.24 -40.18 49.42
C GLN C 139 27.54 -41.32 48.72
N TYR C 140 27.85 -41.51 47.43
CA TYR C 140 27.14 -42.52 46.66
C TYR C 140 27.51 -43.91 47.20
N LEU C 141 28.80 -44.09 47.49
CA LEU C 141 29.32 -45.32 48.03
C LEU C 141 28.67 -45.62 49.37
N LYS C 142 28.56 -44.61 50.23
CA LYS C 142 27.95 -44.75 51.54
C LYS C 142 26.43 -45.09 51.31
N ASP C 143 25.79 -44.37 50.40
CA ASP C 143 24.40 -44.56 50.16
C ASP C 143 24.20 -45.95 49.64
N ASN C 144 25.21 -46.53 48.99
CA ASN C 144 24.99 -47.87 48.44
C ASN C 144 25.60 -49.01 49.27
N PHE C 145 25.83 -48.78 50.54
CA PHE C 145 26.12 -49.89 51.45
C PHE C 145 27.39 -50.63 51.09
N ALA C 146 28.43 -49.84 50.77
CA ALA C 146 29.77 -50.34 50.63
C ALA C 146 30.18 -50.96 51.98
N LYS C 147 30.95 -52.04 51.94
CA LYS C 147 31.47 -52.62 53.20
C LYS C 147 32.39 -51.69 53.93
N ASP C 148 33.36 -51.11 53.22
CA ASP C 148 34.22 -50.11 53.86
C ASP C 148 34.64 -49.05 52.85
N ILE C 149 34.99 -47.87 53.33
CA ILE C 149 35.40 -46.85 52.38
C ILE C 149 36.68 -46.19 52.83
N TYR C 150 37.70 -46.16 51.99
CA TYR C 150 38.90 -45.41 52.32
C TYR C 150 39.05 -44.22 51.35
N VAL C 151 39.44 -43.07 51.88
CA VAL C 151 39.92 -41.99 51.05
C VAL C 151 41.41 -41.83 51.21
N VAL C 152 42.13 -41.76 50.10
CA VAL C 152 43.60 -41.75 50.10
C VAL C 152 44.10 -40.37 49.67
N THR C 153 45.00 -39.80 50.43
CA THR C 153 45.26 -38.38 50.31
C THR C 153 46.72 -38.08 50.64
N ARG C 154 47.23 -36.96 50.14
CA ARG C 154 48.60 -36.56 50.44
C ARG C 154 48.80 -36.05 51.82
N ASN C 155 47.78 -35.47 52.45
CA ASN C 155 47.88 -35.17 53.86
C ASN C 155 46.59 -35.60 54.64
N PRO C 156 46.59 -36.81 55.20
CA PRO C 156 45.39 -37.22 55.93
C PRO C 156 44.98 -36.26 57.05
N GLU C 157 45.93 -35.54 57.63
CA GLU C 157 45.65 -34.59 58.68
C GLU C 157 44.73 -33.44 58.25
N LYS C 158 44.92 -32.93 57.05
CA LYS C 158 44.06 -31.88 56.57
C LYS C 158 42.76 -32.56 56.15
N THR C 159 42.88 -33.48 55.20
CA THR C 159 41.75 -34.22 54.62
C THR C 159 40.67 -34.65 55.62
N SER C 160 41.08 -35.25 56.75
CA SER C 160 40.07 -35.72 57.71
C SER C 160 39.31 -34.60 58.44
N GLU C 161 39.79 -33.35 58.38
CA GLU C 161 38.91 -32.22 58.74
C GLU C 161 37.58 -32.27 57.95
N ILE C 162 37.61 -32.63 56.67
CA ILE C 162 36.44 -32.52 55.84
C ILE C 162 35.76 -33.87 55.57
N TYR C 163 36.53 -34.94 55.59
CA TYR C 163 35.99 -36.26 55.41
C TYR C 163 36.13 -37.10 56.64
N GLY C 164 35.84 -36.50 57.79
CA GLY C 164 35.77 -37.23 59.07
C GLY C 164 34.83 -38.44 59.11
N GLU C 165 33.82 -38.50 58.25
CA GLU C 165 32.98 -39.68 58.22
C GLU C 165 33.74 -40.92 57.72
N PHE C 166 34.90 -40.75 57.10
CA PHE C 166 35.46 -41.86 56.31
C PHE C 166 36.83 -42.20 56.85
N LYS C 167 37.32 -43.41 56.60
CA LYS C 167 38.74 -43.71 56.90
C LYS C 167 39.61 -42.97 55.91
N VAL C 168 40.45 -42.09 56.43
CA VAL C 168 41.32 -41.31 55.60
C VAL C 168 42.74 -41.77 55.79
N ILE C 169 43.43 -42.11 54.72
CA ILE C 169 44.78 -42.67 54.86
C ILE C 169 45.75 -42.13 53.82
N SER C 170 47.07 -42.34 54.01
CA SER C 170 48.06 -41.86 53.06
C SER C 170 48.31 -42.89 51.96
N TYR C 171 49.07 -42.51 50.94
CA TYR C 171 49.34 -43.42 49.82
C TYR C 171 50.23 -44.58 50.29
N ASP C 172 51.10 -44.26 51.24
CA ASP C 172 51.91 -45.27 51.86
C ASP C 172 51.04 -46.34 52.52
N GLU C 173 50.10 -45.94 53.36
CA GLU C 173 49.22 -46.94 53.97
C GLU C 173 48.49 -47.72 52.89
N LEU C 174 48.21 -47.08 51.75
CA LEU C 174 47.45 -47.74 50.70
C LEU C 174 48.11 -49.02 50.20
N SER C 175 49.42 -49.02 50.02
CA SER C 175 50.09 -50.21 49.52
C SER C 175 49.83 -51.44 50.41
N ASN C 176 49.57 -51.24 51.68
CA ASN C 176 49.20 -52.38 52.52
C ASN C 176 47.75 -52.85 52.37
N LEU C 177 46.97 -52.27 51.48
CA LEU C 177 45.54 -52.55 51.53
C LEU C 177 45.14 -53.20 50.25
N LYS C 178 44.10 -54.04 50.28
CA LYS C 178 43.62 -54.76 49.10
C LYS C 178 42.13 -54.53 49.11
N GLY C 179 41.49 -54.39 47.96
CA GLY C 179 40.08 -54.05 48.00
C GLY C 179 39.38 -54.47 46.76
N ASP C 180 38.17 -53.98 46.60
CA ASP C 180 37.32 -54.40 45.52
C ASP C 180 37.31 -53.34 44.43
N VAL C 181 36.98 -52.08 44.75
CA VAL C 181 36.92 -51.04 43.73
C VAL C 181 37.89 -49.93 44.09
N ILE C 182 38.67 -49.49 43.12
CA ILE C 182 39.54 -48.34 43.31
C ILE C 182 39.18 -47.28 42.27
N ILE C 183 38.96 -46.05 42.75
CA ILE C 183 38.35 -44.96 41.94
C ILE C 183 39.34 -43.80 42.02
N ASN C 184 39.81 -43.37 40.88
CA ASN C 184 40.74 -42.28 40.91
C ASN C 184 39.95 -40.96 40.83
N CYS C 185 40.14 -40.08 41.77
CA CYS C 185 39.54 -38.73 41.65
C CYS C 185 40.63 -37.66 41.64
N THR C 186 41.90 -38.04 41.45
CA THR C 186 42.96 -37.06 41.37
C THR C 186 43.08 -36.61 39.92
N PRO C 187 43.71 -35.44 39.70
CA PRO C 187 44.08 -34.95 38.38
C PRO C 187 45.28 -35.69 37.75
N LYS C 188 45.91 -36.66 38.43
CA LYS C 188 47.05 -37.39 37.77
C LYS C 188 46.57 -38.34 36.71
N GLY C 189 47.21 -38.28 35.55
CA GLY C 189 46.79 -39.06 34.41
C GLY C 189 46.17 -38.26 33.29
N MET C 190 45.62 -37.08 33.59
CA MET C 190 44.87 -36.37 32.55
C MET C 190 45.76 -35.48 31.68
N LYS C 193 49.31 -34.00 33.27
CA LYS C 193 49.85 -35.15 34.01
C LYS C 193 49.71 -36.46 33.26
N GLU C 194 49.89 -36.44 31.94
CA GLU C 194 49.48 -37.60 31.16
C GLU C 194 50.31 -38.92 31.21
N GLY C 195 51.61 -38.85 31.47
CA GLY C 195 52.41 -40.06 31.69
C GLY C 195 52.63 -40.30 33.18
N GLU C 196 51.54 -40.22 33.94
CA GLU C 196 51.57 -40.26 35.40
C GLU C 196 50.39 -41.03 35.94
N SER C 197 50.60 -41.74 37.06
CA SER C 197 49.50 -42.44 37.71
C SER C 197 49.46 -42.09 39.16
N PRO C 198 48.26 -42.13 39.75
CA PRO C 198 48.33 -41.86 41.17
C PRO C 198 48.89 -43.06 41.91
N VAL C 199 48.80 -44.25 41.36
CA VAL C 199 49.34 -45.42 42.02
C VAL C 199 50.03 -46.41 41.03
N ASP C 200 50.95 -47.19 41.57
CA ASP C 200 51.70 -48.25 40.86
C ASP C 200 50.81 -49.33 40.33
N LYS C 201 51.32 -50.03 39.32
CA LYS C 201 50.65 -51.20 38.76
C LYS C 201 50.30 -52.15 39.90
N GLU C 202 51.26 -52.32 40.80
CA GLU C 202 51.19 -53.22 41.94
C GLU C 202 49.99 -52.92 42.85
N VAL C 203 49.62 -51.64 42.98
CA VAL C 203 48.47 -51.30 43.81
C VAL C 203 47.18 -51.71 43.09
N VAL C 204 47.14 -51.39 41.80
CA VAL C 204 45.92 -51.57 41.04
C VAL C 204 45.57 -53.04 40.95
N ALA C 205 46.61 -53.86 40.85
CA ALA C 205 46.39 -55.31 40.65
C ALA C 205 45.56 -55.88 41.79
N LYS C 206 45.48 -55.14 42.87
CA LYS C 206 44.85 -55.64 44.07
C LYS C 206 43.34 -55.45 44.17
N PHE C 207 42.72 -54.95 43.10
CA PHE C 207 41.26 -54.67 43.15
C PHE C 207 40.73 -55.37 41.93
N SER C 208 39.44 -55.52 41.79
CA SER C 208 38.96 -56.18 40.60
C SER C 208 38.22 -55.20 39.66
N SER C 209 37.93 -53.99 40.15
CA SER C 209 37.54 -52.88 39.27
C SER C 209 38.35 -51.61 39.51
N ALA C 210 38.85 -50.98 38.44
CA ALA C 210 39.46 -49.63 38.51
C ALA C 210 38.54 -48.63 37.81
N VAL C 211 38.18 -47.52 38.47
CA VAL C 211 37.34 -46.50 37.83
C VAL C 211 38.09 -45.20 37.85
N ASP C 212 38.20 -44.58 36.69
CA ASP C 212 38.94 -43.33 36.61
C ASP C 212 37.92 -42.32 36.14
N LEU C 213 37.74 -41.20 36.87
CA LEU C 213 36.84 -40.14 36.42
C LEU C 213 37.40 -39.37 35.21
N ILE C 214 38.70 -39.43 34.99
CA ILE C 214 39.30 -38.86 33.83
C ILE C 214 38.84 -39.63 32.58
N TYR C 215 38.41 -38.90 31.56
CA TYR C 215 37.97 -39.57 30.34
C TYR C 215 38.83 -39.17 29.16
N ASN C 216 39.91 -38.43 29.44
CA ASN C 216 40.87 -37.96 28.41
C ASN C 216 42.26 -37.81 29.02
N PRO C 217 43.17 -38.70 28.62
CA PRO C 217 42.87 -39.59 27.52
C PRO C 217 41.88 -40.68 27.84
N VAL C 218 41.50 -41.40 26.78
CA VAL C 218 40.50 -42.42 26.91
C VAL C 218 40.99 -43.65 27.70
N GLU C 219 42.30 -43.87 27.73
CA GLU C 219 42.85 -44.82 28.65
C GLU C 219 43.95 -44.12 29.35
N THR C 220 43.79 -43.83 30.63
CA THR C 220 44.90 -43.31 31.39
C THR C 220 45.94 -44.37 31.70
N LEU C 221 47.13 -44.01 32.10
CA LEU C 221 48.06 -45.02 32.59
C LEU C 221 47.44 -45.95 33.71
N PHE C 222 46.72 -45.35 34.66
CA PHE C 222 45.97 -46.04 35.71
C PHE C 222 45.10 -47.13 35.11
N LEU C 223 44.36 -46.80 34.06
CA LEU C 223 43.52 -47.80 33.46
C LEU C 223 44.28 -48.85 32.58
N LYS C 224 45.49 -48.53 32.15
CA LYS C 224 46.30 -49.53 31.41
C LYS C 224 46.90 -50.56 32.40
N TYR C 225 47.40 -50.08 33.52
CA TYR C 225 47.69 -50.94 34.62
C TYR C 225 46.50 -51.86 34.87
N ALA C 226 45.31 -51.29 35.06
CA ALA C 226 44.15 -52.14 35.25
C ALA C 226 44.06 -53.15 34.11
N ARG C 227 44.17 -52.68 32.90
CA ARG C 227 43.83 -53.59 31.84
C ARG C 227 44.83 -54.78 31.80
N GLU C 228 46.06 -54.53 32.24
CA GLU C 228 47.13 -55.49 32.12
C GLU C 228 47.20 -56.37 33.34
N SER C 229 46.37 -56.08 34.32
CA SER C 229 46.37 -56.83 35.54
C SER C 229 45.07 -57.55 35.64
N GLY C 230 44.37 -57.69 34.53
CA GLY C 230 43.10 -58.39 34.56
C GLY C 230 41.99 -57.64 35.30
N VAL C 231 42.21 -56.37 35.66
CA VAL C 231 41.22 -55.61 36.45
C VAL C 231 40.22 -54.90 35.56
N LYS C 232 38.94 -55.06 35.83
CA LYS C 232 37.94 -54.34 35.03
C LYS C 232 38.30 -52.82 35.02
N ALA C 233 38.20 -52.16 33.87
CA ALA C 233 38.64 -50.75 33.80
C ALA C 233 37.56 -49.85 33.20
N VAL C 234 37.24 -48.77 33.91
CA VAL C 234 36.15 -47.84 33.46
C VAL C 234 36.70 -46.39 33.47
N ASN C 235 36.58 -45.66 32.37
CA ASN C 235 36.94 -44.22 32.40
C ASN C 235 35.70 -43.37 32.67
N GLY C 236 35.84 -42.03 32.75
CA GLY C 236 34.69 -41.22 33.20
C GLY C 236 33.71 -40.74 32.12
N LEU C 237 33.86 -41.18 30.87
CA LEU C 237 33.02 -40.61 29.80
C LEU C 237 31.52 -40.80 29.98
N TYR C 238 31.10 -42.01 30.32
CA TYR C 238 29.69 -42.23 30.60
C TYR C 238 29.11 -41.35 31.76
N MET C 239 29.89 -41.13 32.80
CA MET C 239 29.51 -40.20 33.91
C MET C 239 29.30 -38.74 33.35
N LEU C 240 30.26 -38.26 32.55
CA LEU C 240 30.16 -36.91 31.96
C LEU C 240 28.84 -36.74 31.13
N VAL C 241 28.56 -37.74 30.29
CA VAL C 241 27.32 -37.66 29.52
C VAL C 241 26.11 -37.87 30.35
N SER C 242 26.16 -38.82 31.29
CA SER C 242 24.99 -39.02 32.15
C SER C 242 24.75 -37.74 32.94
N GLN C 243 25.82 -37.15 33.45
CA GLN C 243 25.70 -35.98 34.34
C GLN C 243 25.08 -34.79 33.54
N ALA C 244 25.54 -34.60 32.30
CA ALA C 244 24.94 -33.56 31.44
C ALA C 244 23.49 -33.86 31.12
N ALA C 245 23.15 -35.10 30.76
CA ALA C 245 21.75 -35.43 30.51
C ALA C 245 20.89 -35.24 31.76
N ALA C 246 21.42 -35.62 32.91
CA ALA C 246 20.62 -35.41 34.15
C ALA C 246 20.44 -33.90 34.47
N SER C 247 21.44 -33.04 34.20
CA SER C 247 21.23 -31.57 34.32
C SER C 247 20.13 -31.09 33.38
N GLU C 248 20.15 -31.55 32.12
CA GLU C 248 19.07 -31.19 31.10
C GLU C 248 17.68 -31.62 31.47
N GLU C 249 17.58 -32.78 32.07
CA GLU C 249 16.27 -33.24 32.61
C GLU C 249 15.72 -32.37 33.72
N ILE C 250 16.58 -32.05 34.69
CA ILE C 250 16.21 -31.12 35.73
C ILE C 250 15.86 -29.73 35.16
N TRP C 251 16.70 -29.19 34.29
CA TRP C 251 16.44 -27.86 33.80
C TRP C 251 15.15 -27.78 32.98
N ASN C 252 14.83 -28.85 32.26
CA ASN C 252 13.78 -28.74 31.26
C ASN C 252 12.59 -29.60 31.61
N ASP C 253 12.61 -30.25 32.77
CA ASP C 253 11.47 -31.01 33.22
C ASP C 253 11.07 -32.06 32.18
N ILE C 254 12.04 -32.81 31.71
CA ILE C 254 11.85 -33.90 30.77
C ILE C 254 12.66 -35.09 31.32
N SER C 255 12.47 -36.28 30.74
CA SER C 255 13.29 -37.48 31.04
C SER C 255 14.01 -37.88 29.80
N ILE C 256 15.29 -38.16 29.94
CA ILE C 256 16.11 -38.50 28.82
C ILE C 256 16.45 -40.01 28.95
N ASP C 257 16.08 -40.81 27.97
CA ASP C 257 16.13 -42.26 28.10
C ASP C 257 17.55 -42.77 28.01
N GLU C 258 17.82 -43.90 28.66
CA GLU C 258 19.11 -44.53 28.44
C GLU C 258 19.52 -44.59 26.96
N ILE C 259 18.64 -44.90 26.01
CA ILE C 259 19.15 -44.99 24.60
C ILE C 259 19.75 -43.69 24.07
N ILE C 260 19.15 -42.58 24.47
CA ILE C 260 19.67 -41.32 24.00
C ILE C 260 21.01 -41.08 24.67
N VAL C 261 21.08 -41.34 25.95
CA VAL C 261 22.39 -41.30 26.63
C VAL C 261 23.47 -42.16 25.94
N ASP C 262 23.14 -43.40 25.56
CA ASP C 262 24.16 -44.27 24.95
C ASP C 262 24.53 -43.70 23.62
N GLU C 263 23.53 -43.28 22.88
CA GLU C 263 23.77 -42.67 21.59
C GLU C 263 24.76 -41.49 21.63
N ILE C 264 24.69 -40.66 22.67
CA ILE C 264 25.59 -39.47 22.70
C ILE C 264 26.97 -39.90 23.14
N PHE C 265 27.00 -40.83 24.08
CA PHE C 265 28.22 -41.43 24.57
C PHE C 265 29.06 -42.01 23.42
N GLU C 266 28.39 -42.71 22.51
CA GLU C 266 29.09 -43.30 21.36
C GLU C 266 29.71 -42.25 20.43
N VAL C 267 28.99 -41.17 20.13
CA VAL C 267 29.56 -40.04 19.39
C VAL C 267 30.78 -39.44 20.07
N LEU C 268 30.62 -39.04 21.32
CA LEU C 268 31.68 -38.39 22.07
C LEU C 268 32.85 -39.32 22.14
N GLU C 269 32.52 -40.58 22.35
CA GLU C 269 33.57 -41.54 22.57
C GLU C 269 34.46 -41.59 21.32
N GLU C 270 33.82 -41.65 20.16
CA GLU C 270 34.51 -41.51 18.90
C GLU C 270 35.41 -40.30 18.89
N LYS C 271 34.78 -39.13 19.04
CA LYS C 271 35.45 -37.84 18.94
C LYS C 271 36.71 -37.77 19.77
N ILE C 272 36.67 -38.29 21.01
CA ILE C 272 37.82 -38.24 21.94
C ILE C 272 39.05 -39.06 21.46
N LYS C 273 38.82 -40.16 20.77
CA LYS C 273 39.93 -40.77 20.04
C LYS C 273 40.16 -39.90 18.79
N SER C 274 40.06 -38.57 18.99
CA SER C 274 40.32 -37.59 17.93
C SER C 274 40.70 -36.23 18.54
N LEU D 3 34.69 -22.36 20.65
CA LEU D 3 34.34 -21.05 21.27
C LEU D 3 32.89 -20.99 21.77
N ASN D 4 32.71 -20.31 22.89
CA ASN D 4 31.40 -19.95 23.35
C ASN D 4 30.64 -19.33 22.16
N THR D 5 29.30 -19.37 22.18
CA THR D 5 28.49 -18.54 21.28
C THR D 5 28.34 -17.07 21.82
N SER D 6 28.68 -16.08 21.00
CA SER D 6 28.54 -14.64 21.30
C SER D 6 27.07 -14.30 21.51
N ILE D 7 26.83 -13.71 22.65
CA ILE D 7 25.50 -13.32 23.03
C ILE D 7 25.29 -11.82 22.82
N TYR D 8 24.36 -11.48 21.93
CA TYR D 8 23.84 -10.14 21.73
C TYR D 8 22.34 -10.08 22.03
N GLY D 9 21.76 -8.89 22.00
CA GLY D 9 20.35 -8.75 22.20
C GLY D 9 19.91 -7.30 22.40
N LEU D 10 18.64 -7.19 22.84
CA LEU D 10 17.91 -5.99 23.05
C LEU D 10 17.47 -6.04 24.51
N ILE D 11 17.84 -5.03 25.26
CA ILE D 11 17.37 -4.82 26.62
C ILE D 11 16.28 -3.73 26.67
N GLY D 12 15.12 -4.10 27.17
CA GLY D 12 14.01 -3.14 27.33
C GLY D 12 13.15 -3.60 28.48
N GLU D 13 12.15 -2.83 28.86
CA GLU D 13 11.36 -3.20 30.04
C GLU D 13 10.28 -4.18 29.73
N LYS D 14 9.60 -3.97 28.61
CA LYS D 14 8.57 -4.92 28.25
C LYS D 14 8.71 -5.07 26.78
N LEU D 15 9.24 -6.21 26.35
CA LEU D 15 9.41 -6.38 24.93
C LEU D 15 8.37 -7.32 24.35
N GLY D 16 7.87 -6.94 23.19
CA GLY D 16 7.03 -7.83 22.42
C GLY D 16 7.68 -8.05 21.08
N HIS D 17 7.39 -9.18 20.46
CA HIS D 17 8.05 -9.52 19.23
C HIS D 17 8.62 -8.26 18.64
N SER D 18 9.89 -8.32 18.29
CA SER D 18 10.46 -7.27 17.49
C SER D 18 10.86 -8.10 16.30
N HIS D 19 10.95 -7.48 15.12
CA HIS D 19 11.60 -8.07 13.96
C HIS D 19 13.12 -7.95 14.06
N SER D 20 13.59 -7.36 15.16
CA SER D 20 15.01 -7.15 15.41
C SER D 20 15.82 -8.39 15.46
N SER D 21 15.36 -9.39 16.24
CA SER D 21 16.12 -10.62 16.34
C SER D 21 16.23 -11.26 14.95
N TYR D 22 15.11 -11.38 14.23
CA TYR D 22 15.18 -11.78 12.82
C TYR D 22 16.27 -11.04 12.02
N ILE D 23 16.30 -9.71 12.11
CA ILE D 23 17.23 -8.95 11.31
C ILE D 23 18.64 -9.28 11.75
N HIS D 24 18.87 -9.38 13.05
CA HIS D 24 20.21 -9.61 13.48
C HIS D 24 20.64 -11.07 13.14
N LYS D 25 19.76 -12.03 13.28
CA LYS D 25 20.13 -13.45 12.82
C LYS D 25 20.59 -13.46 11.36
N LEU D 26 19.80 -12.79 10.50
CA LEU D 26 20.21 -12.56 9.12
C LEU D 26 21.54 -11.87 8.95
N ILE D 27 21.86 -10.92 9.83
CA ILE D 27 23.14 -10.30 9.71
C ILE D 27 24.23 -11.31 10.13
N PHE D 28 23.88 -12.19 11.07
CA PHE D 28 24.88 -13.11 11.58
C PHE D 28 25.27 -14.00 10.40
N GLU D 29 24.26 -14.51 9.68
CA GLU D 29 24.43 -15.47 8.59
C GLU D 29 25.16 -14.86 7.43
N LYS D 30 24.69 -13.68 7.04
CA LYS D 30 25.23 -13.01 5.86
C LYS D 30 26.65 -12.50 5.95
N VAL D 31 27.18 -12.37 7.17
CA VAL D 31 28.55 -11.91 7.35
C VAL D 31 29.32 -12.94 8.15
N GLY D 32 28.62 -13.98 8.60
CA GLY D 32 29.26 -15.10 9.27
C GLY D 32 29.75 -14.81 10.69
N ILE D 33 28.82 -14.49 11.60
CA ILE D 33 29.21 -14.48 13.00
C ILE D 33 28.48 -15.62 13.63
N LYS D 34 29.08 -16.19 14.65
CA LYS D 34 28.30 -17.13 15.45
C LYS D 34 27.78 -16.42 16.68
N GLY D 35 26.48 -16.10 16.70
CA GLY D 35 25.91 -15.24 17.71
C GLY D 35 24.49 -15.66 17.89
N ILE D 36 23.91 -15.30 19.04
CA ILE D 36 22.48 -15.31 19.18
C ILE D 36 22.09 -13.86 19.48
N TYR D 37 20.85 -13.48 19.19
CA TYR D 37 20.37 -12.16 19.59
C TYR D 37 19.04 -12.43 20.21
N ASN D 38 18.95 -12.20 21.52
CA ASN D 38 17.74 -12.40 22.24
C ASN D 38 17.12 -11.11 22.68
N LEU D 39 15.80 -11.16 22.97
CA LEU D 39 15.11 -10.04 23.61
C LEU D 39 15.15 -10.28 25.14
N PHE D 40 15.76 -9.33 25.87
CA PHE D 40 15.96 -9.50 27.29
C PHE D 40 15.04 -8.47 28.03
N GLU D 41 13.97 -8.94 28.64
CA GLU D 41 13.12 -8.06 29.47
C GLU D 41 13.69 -7.93 30.84
N VAL D 42 14.08 -6.71 31.17
CA VAL D 42 14.70 -6.46 32.44
C VAL D 42 13.90 -5.34 33.16
N PRO D 43 13.60 -5.50 34.46
CA PRO D 43 12.79 -4.46 35.06
C PRO D 43 13.73 -3.39 35.60
N LYS D 44 13.26 -2.14 35.65
CA LYS D 44 14.00 -1.04 36.30
C LYS D 44 14.97 -1.42 37.42
N GLU D 45 14.47 -2.06 38.46
CA GLU D 45 15.32 -2.30 39.63
C GLU D 45 16.58 -3.10 39.27
N LYS D 46 16.60 -3.68 38.08
CA LYS D 46 17.61 -4.64 37.70
C LYS D 46 18.48 -4.20 36.59
N LEU D 47 18.23 -3.00 36.04
CA LEU D 47 18.83 -2.60 34.75
C LEU D 47 20.33 -2.50 34.90
N LYS D 48 20.72 -1.89 35.99
CA LYS D 48 22.12 -1.64 36.31
C LYS D 48 22.97 -2.92 36.50
N GLU D 49 22.55 -3.78 37.42
CA GLU D 49 23.26 -5.03 37.69
C GLU D 49 23.21 -6.01 36.50
N SER D 50 22.10 -6.04 35.79
CA SER D 50 22.01 -6.75 34.53
C SER D 50 23.11 -6.34 33.56
N VAL D 51 23.27 -5.05 33.27
CA VAL D 51 24.23 -4.71 32.22
C VAL D 51 25.57 -5.00 32.84
N ASP D 52 25.64 -4.86 34.16
CA ASP D 52 26.95 -5.21 34.75
C ASP D 52 27.30 -6.70 34.52
N THR D 53 26.32 -7.59 34.64
CA THR D 53 26.57 -9.04 34.39
C THR D 53 26.93 -9.22 32.92
N PHE D 54 26.19 -8.56 32.03
CA PHE D 54 26.54 -8.67 30.61
C PHE D 54 27.99 -8.34 30.32
N LYS D 55 28.54 -7.37 31.06
CA LYS D 55 29.95 -6.92 30.85
C LYS D 55 30.92 -8.02 31.29
N ILE D 56 30.62 -8.66 32.40
CA ILE D 56 31.43 -9.72 32.99
C ILE D 56 31.43 -10.98 32.16
N ILE D 57 30.27 -11.40 31.65
CA ILE D 57 30.26 -12.56 30.75
C ILE D 57 30.62 -12.22 29.32
N LYS D 58 31.10 -11.00 29.09
CA LYS D 58 31.62 -10.60 27.78
C LYS D 58 30.58 -10.71 26.65
N CYS D 59 29.39 -10.23 26.96
CA CYS D 59 28.30 -10.09 26.01
C CYS D 59 28.88 -9.51 24.72
N GLY D 60 28.34 -9.87 23.56
CA GLY D 60 28.85 -9.31 22.33
C GLY D 60 28.42 -7.86 22.06
N GLY D 61 27.33 -7.41 22.69
CA GLY D 61 26.72 -6.10 22.35
C GLY D 61 25.21 -6.11 22.62
N LEU D 62 24.65 -4.98 23.06
CA LEU D 62 23.26 -4.86 23.40
C LEU D 62 22.69 -3.59 22.76
N ASN D 63 21.41 -3.64 22.34
CA ASN D 63 20.73 -2.47 21.86
C ASN D 63 19.85 -2.16 23.04
N VAL D 64 19.30 -0.93 23.08
CA VAL D 64 18.53 -0.54 24.27
C VAL D 64 17.28 0.12 23.76
N THR D 65 16.16 -0.13 24.43
CA THR D 65 14.94 0.53 24.03
C THR D 65 14.13 1.08 25.20
N ILE D 66 12.90 1.50 24.87
CA ILE D 66 11.92 1.99 25.81
C ILE D 66 11.95 1.10 27.00
N PRO D 67 11.97 1.68 28.21
CA PRO D 67 12.14 3.10 28.54
C PRO D 67 13.54 3.40 29.08
N TYR D 68 14.62 2.95 28.43
CA TYR D 68 15.95 3.09 29.08
C TYR D 68 17.00 3.76 28.24
N LYS D 69 16.63 4.33 27.11
CA LYS D 69 17.64 4.93 26.27
C LYS D 69 18.40 6.07 26.98
N VAL D 70 17.78 6.67 27.99
CA VAL D 70 18.46 7.73 28.76
C VAL D 70 19.06 7.12 30.04
N GLU D 71 18.22 6.44 30.79
CA GLU D 71 18.62 5.81 32.03
C GLU D 71 19.88 4.92 31.89
N VAL D 72 20.01 4.18 30.79
CA VAL D 72 21.20 3.33 30.69
C VAL D 72 22.50 4.17 30.64
N MET D 73 22.36 5.47 30.36
CA MET D 73 23.54 6.33 30.21
C MET D 73 24.38 6.46 31.50
N LYS D 74 23.78 6.12 32.64
CA LYS D 74 24.44 6.13 33.93
C LYS D 74 25.49 5.04 34.10
N GLU D 75 25.44 3.98 33.28
CA GLU D 75 26.40 2.90 33.43
C GLU D 75 27.58 3.07 32.50
N LEU D 76 27.61 4.16 31.73
CA LEU D 76 28.54 4.25 30.60
C LEU D 76 29.68 5.18 30.90
N TYR D 77 30.88 4.79 30.47
CA TYR D 77 32.05 5.60 30.78
C TYR D 77 32.36 6.59 29.63
N GLU D 78 31.77 6.31 28.47
CA GLU D 78 32.12 6.92 27.22
C GLU D 78 30.87 7.00 26.32
N ILE D 79 30.57 8.17 25.79
CA ILE D 79 29.41 8.30 24.97
C ILE D 79 29.79 8.98 23.67
N SER D 80 29.36 8.50 22.52
CA SER D 80 29.85 9.20 21.35
C SER D 80 29.38 10.68 21.31
N GLU D 81 30.01 11.50 20.46
CA GLU D 81 29.58 12.92 20.38
C GLU D 81 28.11 12.91 19.97
N LYS D 82 27.77 11.97 19.13
CA LYS D 82 26.44 11.96 18.55
C LYS D 82 25.41 11.70 19.67
N ALA D 83 25.73 10.77 20.58
CA ALA D 83 24.78 10.36 21.61
C ALA D 83 24.75 11.34 22.78
N ARG D 84 25.87 12.03 23.02
CA ARG D 84 25.85 13.14 23.99
C ARG D 84 24.77 14.17 23.59
N LYS D 85 24.79 14.62 22.33
CA LYS D 85 23.80 15.63 21.90
C LYS D 85 22.30 15.20 21.84
N ILE D 86 22.06 13.94 21.41
CA ILE D 86 20.73 13.40 21.33
C ILE D 86 20.19 13.26 22.73
N GLY D 87 21.07 13.04 23.68
CA GLY D 87 20.60 12.65 25.04
C GLY D 87 20.00 11.23 25.08
N ALA D 88 20.39 10.38 24.15
CA ALA D 88 19.86 9.00 24.13
C ALA D 88 20.93 8.00 23.61
N VAL D 89 20.96 6.82 24.20
CA VAL D 89 21.89 5.80 23.78
C VAL D 89 21.09 4.52 23.45
N ASN D 90 21.29 3.99 22.24
CA ASN D 90 20.52 2.76 21.84
C ASN D 90 21.40 1.53 21.72
N THR D 91 22.71 1.73 21.85
CA THR D 91 23.71 0.70 21.52
C THR D 91 24.87 0.75 22.50
N LEU D 92 25.10 -0.39 23.15
CA LEU D 92 26.17 -0.58 24.14
C LEU D 92 27.28 -1.44 23.51
N LYS D 93 28.53 -0.95 23.60
CA LYS D 93 29.73 -1.71 23.21
C LYS D 93 30.40 -2.13 24.50
N PHE D 94 30.76 -3.41 24.65
CA PHE D 94 31.39 -3.93 25.89
C PHE D 94 32.89 -4.04 25.66
N SER D 95 33.66 -4.16 26.73
CA SER D 95 35.12 -4.08 26.62
C SER D 95 35.73 -4.08 28.00
N ARG D 96 37.05 -4.19 28.02
CA ARG D 96 37.78 -4.28 29.27
C ARG D 96 37.65 -2.96 30.07
N GLU D 97 37.73 -1.78 29.44
CA GLU D 97 37.46 -0.55 30.22
C GLU D 97 36.06 -0.55 30.82
N GLY D 98 35.07 -1.05 30.07
CA GLY D 98 33.66 -1.16 30.54
C GLY D 98 32.65 -1.02 29.39
N ILE D 99 31.61 -0.23 29.60
CA ILE D 99 30.53 -0.13 28.62
C ILE D 99 30.43 1.26 27.99
N SER D 100 30.52 1.33 26.68
CA SER D 100 30.41 2.64 26.09
C SER D 100 29.17 2.75 25.22
N GLY D 101 28.75 3.99 24.95
CA GLY D 101 27.42 4.27 24.46
C GLY D 101 27.38 4.90 23.09
N PHE D 102 26.41 4.46 22.25
CA PHE D 102 26.25 5.00 20.89
C PHE D 102 24.83 5.17 20.51
N ASN D 103 24.59 5.82 19.38
CA ASN D 103 23.24 5.96 18.91
C ASN D 103 23.11 5.68 17.41
N THR D 104 22.61 4.49 17.10
CA THR D 104 22.57 4.08 15.75
C THR D 104 21.17 4.40 15.21
N ASP D 105 20.30 4.98 16.03
CA ASP D 105 19.01 5.53 15.55
C ASP D 105 19.30 6.64 14.55
N TYR D 106 20.16 7.56 14.98
CA TYR D 106 20.72 8.63 14.15
C TYR D 106 21.23 8.09 12.81
N ILE D 107 22.07 7.04 12.87
CA ILE D 107 22.64 6.44 11.62
C ILE D 107 21.58 5.88 10.68
N GLY D 108 20.75 4.98 11.22
CA GLY D 108 19.65 4.41 10.41
C GLY D 108 18.70 5.44 9.79
N PHE D 109 18.48 6.52 10.49
CA PHE D 109 17.57 7.54 9.95
C PHE D 109 18.12 8.20 8.71
N GLY D 110 19.37 8.62 8.80
CA GLY D 110 20.08 9.16 7.66
C GLY D 110 20.17 8.13 6.56
N LYS D 111 20.62 6.91 6.89
CA LYS D 111 20.63 5.88 5.81
C LYS D 111 19.31 5.81 5.07
N MET D 112 18.20 5.76 5.80
CA MET D 112 16.85 5.72 5.23
C MET D 112 16.54 6.97 4.36
N LEU D 113 16.83 8.17 4.85
CA LEU D 113 16.55 9.37 4.03
C LEU D 113 17.30 9.24 2.70
N SER D 114 18.62 9.04 2.75
CA SER D 114 19.50 9.02 1.55
C SER D 114 19.07 7.97 0.53
N LYS D 115 18.78 6.80 1.06
CA LYS D 115 18.39 5.68 0.27
C LYS D 115 17.14 6.05 -0.48
N PHE D 116 16.28 6.84 0.15
CA PHE D 116 15.05 7.23 -0.51
C PHE D 116 15.19 8.68 -1.10
N ARG D 117 16.42 9.17 -1.08
CA ARG D 117 16.74 10.57 -1.32
C ARG D 117 15.66 11.53 -0.78
N VAL D 118 15.51 11.63 0.54
CA VAL D 118 14.64 12.67 1.09
C VAL D 118 15.61 13.76 1.47
N GLU D 119 15.61 14.87 0.74
CA GLU D 119 16.59 15.93 0.96
C GLU D 119 16.20 16.76 2.17
N ILE D 120 17.15 16.95 3.07
CA ILE D 120 16.90 17.71 4.25
C ILE D 120 17.41 19.17 4.18
N LYS D 121 18.64 19.33 3.73
CA LYS D 121 19.32 20.60 3.88
C LYS D 121 18.48 21.70 3.19
N ASN D 122 18.20 22.77 3.90
CA ASN D 122 17.39 23.85 3.31
C ASN D 122 15.97 23.47 2.93
N ASN D 123 15.41 22.46 3.57
CA ASN D 123 14.01 22.16 3.43
C ASN D 123 13.34 22.44 4.76
N ILE D 124 12.04 22.67 4.70
CA ILE D 124 11.25 22.89 5.90
C ILE D 124 10.76 21.55 6.49
N CYS D 125 11.26 21.19 7.64
CA CYS D 125 10.98 19.89 8.29
C CYS D 125 10.09 19.94 9.54
N VAL D 126 9.08 19.07 9.58
CA VAL D 126 8.16 19.01 10.70
C VAL D 126 8.22 17.60 11.35
N VAL D 127 8.63 17.56 12.62
CA VAL D 127 8.69 16.35 13.39
C VAL D 127 7.44 16.27 14.29
N LEU D 128 6.67 15.20 14.12
CA LEU D 128 5.49 14.99 14.93
C LEU D 128 5.91 14.16 16.13
N GLY D 129 5.80 14.75 17.31
CA GLY D 129 6.14 14.09 18.57
C GLY D 129 7.41 14.64 19.19
N SER D 130 7.46 14.72 20.51
CA SER D 130 8.75 14.94 21.17
C SER D 130 9.07 13.63 21.82
N GLY D 131 8.48 12.58 21.26
CA GLY D 131 8.57 11.27 21.86
C GLY D 131 9.96 10.68 21.79
N GLY D 132 9.98 9.38 21.46
CA GLY D 132 11.17 8.56 21.49
C GLY D 132 12.29 8.95 20.56
N ALA D 133 12.16 8.54 19.30
CA ALA D 133 13.29 8.65 18.38
C ALA D 133 13.33 10.04 17.82
N ALA D 134 12.41 10.86 18.31
CA ALA D 134 12.36 12.25 17.99
C ALA D 134 13.70 12.90 18.24
N ARG D 135 14.35 12.57 19.36
CA ARG D 135 15.68 13.08 19.66
C ARG D 135 16.70 12.93 18.57
N ALA D 136 16.84 11.72 18.05
CA ALA D 136 17.83 11.39 17.06
C ALA D 136 17.46 12.03 15.73
N VAL D 137 16.19 11.99 15.36
CA VAL D 137 15.75 12.67 14.16
C VAL D 137 16.09 14.19 14.18
N LEU D 138 15.84 14.87 15.27
CA LEU D 138 16.04 16.34 15.32
C LEU D 138 17.50 16.69 15.17
N GLN D 139 18.33 15.96 15.93
CA GLN D 139 19.73 16.23 15.83
C GLN D 139 20.17 16.08 14.39
N TYR D 140 19.57 15.13 13.68
CA TYR D 140 20.05 14.81 12.34
C TYR D 140 19.62 15.92 11.41
N LEU D 141 18.44 16.46 11.72
CA LEU D 141 17.83 17.48 10.91
C LEU D 141 18.67 18.76 11.13
N LYS D 142 19.10 18.97 12.36
CA LYS D 142 20.09 20.01 12.69
C LYS D 142 21.42 19.82 11.94
N ASP D 143 22.16 18.76 12.27
CA ASP D 143 23.41 18.46 11.57
C ASP D 143 23.24 18.54 10.04
N ASN D 144 22.05 18.46 9.52
CA ASN D 144 21.98 18.58 8.06
C ASN D 144 21.39 19.91 7.51
N PHE D 145 21.42 20.98 8.30
CA PHE D 145 21.13 22.26 7.69
C PHE D 145 19.70 22.39 7.15
N ALA D 146 18.73 21.98 7.94
CA ALA D 146 17.34 22.19 7.52
C ALA D 146 17.09 23.70 7.55
N LYS D 147 16.44 24.24 6.52
CA LYS D 147 16.00 25.62 6.61
C LYS D 147 15.31 25.90 7.95
N ASP D 148 14.14 25.31 8.17
CA ASP D 148 13.52 25.34 9.49
C ASP D 148 13.11 23.93 10.04
N ILE D 149 12.72 23.87 11.31
CA ILE D 149 12.38 22.63 12.01
C ILE D 149 11.34 22.88 13.05
N TYR D 150 10.14 22.37 12.86
CA TYR D 150 9.10 22.49 13.85
C TYR D 150 9.01 21.18 14.60
N VAL D 151 8.95 21.25 15.94
CA VAL D 151 8.50 20.10 16.73
C VAL D 151 7.00 20.26 17.04
N VAL D 152 6.15 19.31 16.65
CA VAL D 152 4.73 19.44 16.92
C VAL D 152 4.34 18.59 18.11
N THR D 153 3.81 19.23 19.17
CA THR D 153 3.60 18.52 20.42
C THR D 153 2.25 18.77 21.11
N ARG D 154 1.72 17.72 21.74
CA ARG D 154 0.45 17.80 22.45
C ARG D 154 0.55 18.83 23.57
N ASN D 155 1.68 18.87 24.29
CA ASN D 155 1.87 19.91 25.30
C ASN D 155 2.99 20.89 24.92
N PRO D 156 2.65 21.92 24.13
CA PRO D 156 3.68 22.84 23.62
C PRO D 156 4.46 23.36 24.78
N GLU D 157 3.69 23.81 25.79
CA GLU D 157 4.21 24.20 27.10
C GLU D 157 5.37 23.35 27.67
N LYS D 158 5.10 22.07 27.96
CA LYS D 158 6.12 21.20 28.57
C LYS D 158 7.25 20.84 27.59
N THR D 159 6.92 20.64 26.31
CA THR D 159 7.91 20.35 25.29
C THR D 159 8.97 21.47 25.21
N SER D 160 8.52 22.72 25.15
CA SER D 160 9.44 23.86 25.02
C SER D 160 10.54 23.82 26.09
N GLU D 161 10.29 23.12 27.18
CA GLU D 161 11.21 23.01 28.31
C GLU D 161 12.48 22.23 28.02
N ILE D 162 12.50 21.47 26.93
CA ILE D 162 13.74 20.79 26.52
C ILE D 162 14.14 21.13 25.07
N TYR D 163 13.23 20.89 24.13
CA TYR D 163 13.52 21.21 22.73
C TYR D 163 13.48 22.72 22.47
N GLY D 164 13.36 23.50 23.56
CA GLY D 164 13.32 24.95 23.49
C GLY D 164 13.77 25.51 22.13
N GLU D 165 14.98 25.13 21.74
CA GLU D 165 15.67 25.63 20.54
C GLU D 165 15.04 25.36 19.16
N PHE D 166 13.87 24.74 19.09
CA PHE D 166 13.23 24.54 17.77
C PHE D 166 11.91 25.28 17.76
N LYS D 167 11.23 25.33 16.62
CA LYS D 167 9.89 25.91 16.62
C LYS D 167 8.84 24.94 17.18
N VAL D 168 8.60 24.97 18.50
CA VAL D 168 7.59 24.09 19.09
C VAL D 168 6.17 24.58 18.79
N ILE D 169 5.22 23.71 18.63
CA ILE D 169 3.94 24.20 18.17
C ILE D 169 2.92 23.13 18.35
N SER D 170 1.67 23.56 18.52
CA SER D 170 0.57 22.65 18.76
C SER D 170 0.18 22.02 17.46
N TYR D 171 -0.73 21.05 17.50
CA TYR D 171 -1.22 20.43 16.28
C TYR D 171 -2.15 21.34 15.49
N ASP D 172 -2.74 22.33 16.15
CA ASP D 172 -3.56 23.34 15.44
C ASP D 172 -2.66 24.32 14.70
N GLU D 173 -1.70 24.91 15.42
CA GLU D 173 -0.75 25.76 14.76
C GLU D 173 -0.33 25.08 13.47
N LEU D 174 -0.18 23.75 13.52
CA LEU D 174 0.36 22.98 12.39
C LEU D 174 -0.51 23.03 11.13
N SER D 175 -1.82 23.13 11.30
CA SER D 175 -2.69 23.11 10.13
C SER D 175 -2.58 24.38 9.28
N ASN D 176 -1.87 25.40 9.76
CA ASN D 176 -1.61 26.57 8.93
C ASN D 176 -0.27 26.53 8.17
N LEU D 177 0.48 25.42 8.25
CA LEU D 177 1.85 25.44 7.77
C LEU D 177 2.16 24.46 6.62
N LYS D 178 2.77 24.98 5.54
CA LYS D 178 3.23 24.15 4.43
C LYS D 178 4.72 23.88 4.62
N GLY D 179 5.17 22.68 4.26
CA GLY D 179 6.55 22.32 4.52
C GLY D 179 7.09 21.37 3.48
N ASP D 180 8.32 20.93 3.66
CA ASP D 180 8.90 20.01 2.70
C ASP D 180 8.74 18.55 3.18
N VAL D 181 9.34 18.23 4.34
CA VAL D 181 9.27 16.89 4.95
C VAL D 181 8.43 16.94 6.22
N ILE D 182 7.61 15.92 6.41
CA ILE D 182 6.88 15.78 7.64
C ILE D 182 7.17 14.37 8.18
N ILE D 183 7.54 14.25 9.44
CA ILE D 183 8.11 13.01 9.91
C ILE D 183 7.33 12.60 11.15
N ASN D 184 6.62 11.46 11.09
CA ASN D 184 5.89 11.01 12.28
C ASN D 184 6.75 10.27 13.35
N CYS D 185 6.92 10.87 14.53
CA CYS D 185 7.54 10.14 15.66
C CYS D 185 6.60 9.71 16.81
N THR D 186 5.29 9.72 16.59
CA THR D 186 4.27 9.38 17.63
C THR D 186 3.93 7.88 17.51
N PRO D 187 3.31 7.31 18.56
CA PRO D 187 2.95 5.90 18.53
C PRO D 187 1.75 5.68 17.65
N LYS D 188 1.05 6.75 17.27
CA LYS D 188 -0.19 6.61 16.43
C LYS D 188 0.04 6.00 15.05
N GLY D 189 -0.71 4.95 14.74
CA GLY D 189 -0.58 4.22 13.47
C GLY D 189 -0.05 2.80 13.64
N MET D 190 0.43 2.50 14.84
CA MET D 190 0.99 1.19 15.12
C MET D 190 0.14 0.64 16.25
N TYR D 191 0.05 -0.68 16.31
CA TYR D 191 -0.71 -1.34 17.36
C TYR D 191 -0.33 -0.81 18.75
N PRO D 192 -1.33 -0.50 19.60
CA PRO D 192 -2.78 -0.51 19.47
C PRO D 192 -3.34 0.90 19.29
N LYS D 193 -2.90 1.59 18.25
CA LYS D 193 -3.47 2.88 17.88
C LYS D 193 -3.41 2.89 16.38
N GLU D 194 -3.51 1.71 15.80
CA GLU D 194 -3.31 1.51 14.36
C GLU D 194 -4.50 1.92 13.50
N GLY D 195 -5.55 2.42 14.12
CA GLY D 195 -6.62 3.03 13.35
C GLY D 195 -6.45 4.55 13.30
N GLU D 196 -5.40 5.04 13.95
CA GLU D 196 -5.21 6.47 14.18
C GLU D 196 -4.12 7.10 13.30
N SER D 197 -4.19 8.41 13.11
CA SER D 197 -3.12 9.18 12.48
C SER D 197 -2.86 10.41 13.32
N PRO D 198 -1.60 10.82 13.38
CA PRO D 198 -1.32 11.98 14.19
C PRO D 198 -1.91 13.27 13.58
N VAL D 199 -2.11 13.29 12.27
CA VAL D 199 -2.62 14.51 11.66
C VAL D 199 -3.50 14.22 10.46
N ASP D 200 -4.41 15.16 10.17
CA ASP D 200 -5.36 14.96 9.08
C ASP D 200 -4.67 14.87 7.74
N LYS D 201 -5.30 14.19 6.81
CA LYS D 201 -4.74 14.12 5.47
C LYS D 201 -4.43 15.51 4.88
N GLU D 202 -5.24 16.48 5.26
CA GLU D 202 -5.10 17.82 4.75
C GLU D 202 -3.79 18.40 5.26
N VAL D 203 -3.37 18.04 6.48
CA VAL D 203 -2.02 18.43 6.87
C VAL D 203 -1.04 17.81 5.91
N VAL D 204 -1.20 16.50 5.60
CA VAL D 204 -0.18 15.74 4.84
C VAL D 204 -0.07 16.21 3.39
N ALA D 205 -1.22 16.58 2.81
CA ALA D 205 -1.24 16.98 1.42
C ALA D 205 -0.26 18.12 1.21
N LYS D 206 -0.06 18.90 2.27
CA LYS D 206 0.80 20.07 2.20
C LYS D 206 2.27 19.77 1.92
N PHE D 207 2.71 18.56 2.15
CA PHE D 207 4.14 18.34 2.13
C PHE D 207 4.70 17.65 0.88
N SER D 208 6.01 17.65 0.70
CA SER D 208 6.56 16.90 -0.44
C SER D 208 7.14 15.50 -0.10
N SER D 209 7.29 15.18 1.20
CA SER D 209 7.65 13.81 1.64
C SER D 209 7.02 13.54 2.99
N ALA D 210 6.45 12.35 3.13
CA ALA D 210 5.98 11.88 4.42
C ALA D 210 6.84 10.70 4.90
N VAL D 211 7.49 10.86 6.05
CA VAL D 211 8.36 9.80 6.64
C VAL D 211 7.75 9.34 7.98
N ASP D 212 7.43 8.05 8.08
CA ASP D 212 6.87 7.53 9.33
C ASP D 212 7.98 6.61 9.87
N LEU D 213 8.32 6.74 11.15
CA LEU D 213 9.29 5.77 11.76
C LEU D 213 8.72 4.31 11.87
N ILE D 214 7.40 4.22 11.90
CA ILE D 214 6.64 2.96 11.90
C ILE D 214 6.87 2.10 10.67
N TYR D 215 7.17 0.82 10.90
CA TYR D 215 7.28 -0.09 9.76
C TYR D 215 6.22 -1.22 9.92
N ASN D 216 5.46 -1.22 11.00
CA ASN D 216 4.37 -2.18 11.10
C ASN D 216 3.11 -1.54 11.65
N PRO D 217 2.07 -1.37 10.80
CA PRO D 217 1.96 -1.84 9.42
C PRO D 217 2.82 -1.13 8.38
N VAL D 218 3.03 -1.81 7.27
CA VAL D 218 3.93 -1.39 6.23
C VAL D 218 3.56 -0.04 5.66
N GLU D 219 2.27 0.27 5.61
CA GLU D 219 1.81 1.61 5.27
C GLU D 219 0.78 1.94 6.32
N THR D 220 1.08 2.91 7.18
CA THR D 220 0.18 3.28 8.26
C THR D 220 -0.86 4.19 7.63
N LEU D 221 -1.86 4.57 8.40
CA LEU D 221 -2.84 5.51 7.89
C LEU D 221 -2.07 6.72 7.35
N PHE D 222 -1.63 7.60 8.26
CA PHE D 222 -0.70 8.68 7.92
C PHE D 222 -0.07 8.49 6.56
N LEU D 223 0.60 7.35 6.33
CA LEU D 223 1.28 7.16 5.04
C LEU D 223 0.39 6.86 3.82
N LYS D 224 -0.89 6.60 4.03
CA LYS D 224 -1.76 6.38 2.89
C LYS D 224 -2.39 7.72 2.49
N TYR D 225 -2.67 8.56 3.49
CA TYR D 225 -2.99 9.95 3.27
C TYR D 225 -1.86 10.52 2.46
N ALA D 226 -0.61 10.25 2.85
CA ALA D 226 0.48 10.54 1.91
C ALA D 226 0.16 10.00 0.48
N ARG D 227 0.20 8.68 0.30
CA ARG D 227 -0.11 8.06 -1.04
C ARG D 227 -1.37 8.66 -1.73
N GLU D 228 -2.39 9.03 -0.94
CA GLU D 228 -3.62 9.61 -1.51
C GLU D 228 -3.47 11.11 -1.83
N SER D 229 -2.22 11.54 -1.95
CA SER D 229 -1.95 12.95 -2.04
C SER D 229 -0.81 13.24 -2.97
N GLY D 230 -0.31 12.24 -3.68
CA GLY D 230 0.85 12.46 -4.51
C GLY D 230 2.07 12.79 -3.67
N VAL D 231 1.96 12.65 -2.35
CA VAL D 231 3.15 12.79 -1.50
C VAL D 231 3.99 11.51 -1.35
N LYS D 232 5.26 11.62 -1.73
CA LYS D 232 6.30 10.63 -1.42
C LYS D 232 6.27 10.07 0.04
N ALA D 233 6.08 8.76 0.19
CA ALA D 233 5.81 8.12 1.49
C ALA D 233 6.92 7.17 1.82
N VAL D 234 7.35 7.15 3.08
CA VAL D 234 8.47 6.32 3.50
C VAL D 234 8.22 5.78 4.90
N ASN D 235 8.15 4.45 5.05
CA ASN D 235 8.06 3.85 6.39
C ASN D 235 9.42 3.50 6.94
N GLY D 236 9.46 3.06 8.18
CA GLY D 236 10.72 3.02 8.90
C GLY D 236 11.54 1.75 8.69
N LEU D 237 11.22 0.93 7.70
CA LEU D 237 11.88 -0.38 7.65
C LEU D 237 13.36 -0.30 7.36
N TYR D 238 13.75 0.60 6.47
CA TYR D 238 15.13 0.66 6.11
C TYR D 238 15.99 1.19 7.25
N MET D 239 15.42 2.09 8.06
CA MET D 239 16.04 2.60 9.30
C MET D 239 16.29 1.48 10.34
N LEU D 240 15.27 0.62 10.56
CA LEU D 240 15.40 -0.56 11.41
C LEU D 240 16.55 -1.49 10.93
N VAL D 241 16.53 -1.80 9.64
CA VAL D 241 17.59 -2.61 9.04
C VAL D 241 18.97 -1.91 9.09
N SER D 242 19.02 -0.63 8.74
CA SER D 242 20.32 0.08 8.73
C SER D 242 20.87 0.20 10.13
N GLN D 243 20.00 0.42 11.10
CA GLN D 243 20.46 0.69 12.47
C GLN D 243 20.97 -0.60 13.11
N ALA D 244 20.37 -1.72 12.78
CA ALA D 244 20.87 -3.05 13.22
C ALA D 244 22.27 -3.32 12.62
N ALA D 245 22.45 -3.05 11.33
CA ALA D 245 23.78 -3.14 10.71
C ALA D 245 24.77 -2.25 11.36
N ALA D 246 24.37 -1.00 11.53
CA ALA D 246 25.27 -0.03 12.16
C ALA D 246 25.64 -0.52 13.59
N SER D 247 24.69 -1.10 14.33
CA SER D 247 25.05 -1.62 15.65
C SER D 247 26.10 -2.76 15.59
N GLU D 248 25.99 -3.61 14.55
CA GLU D 248 26.84 -4.81 14.44
C GLU D 248 28.26 -4.40 14.04
N GLU D 249 28.36 -3.35 13.23
CA GLU D 249 29.64 -2.80 12.81
C GLU D 249 30.44 -2.31 13.99
N ILE D 250 29.73 -1.72 14.97
CA ILE D 250 30.32 -1.19 16.18
C ILE D 250 30.75 -2.30 17.18
N TRP D 251 29.89 -3.29 17.42
CA TRP D 251 30.21 -4.46 18.28
C TRP D 251 31.35 -5.31 17.74
N ASN D 252 31.42 -5.41 16.43
CA ASN D 252 32.32 -6.34 15.77
C ASN D 252 33.48 -5.63 15.09
N ASP D 253 33.34 -4.32 14.85
CA ASP D 253 34.42 -3.53 14.26
C ASP D 253 34.68 -3.95 12.80
N ILE D 254 33.58 -4.15 12.07
CA ILE D 254 33.60 -4.44 10.67
C ILE D 254 32.77 -3.40 9.95
N SER D 255 32.77 -3.49 8.64
CA SER D 255 31.80 -2.74 7.86
C SER D 255 30.94 -3.77 7.19
N ILE D 256 29.69 -3.39 6.98
CA ILE D 256 28.70 -4.19 6.28
C ILE D 256 28.28 -3.50 4.97
N ASP D 257 28.57 -4.13 3.83
CA ASP D 257 28.25 -3.56 2.53
C ASP D 257 26.75 -3.29 2.38
N GLU D 258 26.45 -2.08 1.90
CA GLU D 258 25.10 -1.63 1.58
C GLU D 258 24.27 -2.78 1.03
N ILE D 259 24.92 -3.69 0.30
CA ILE D 259 24.25 -4.83 -0.33
C ILE D 259 23.70 -5.83 0.66
N ILE D 260 24.42 -6.04 1.76
CA ILE D 260 23.81 -6.90 2.78
C ILE D 260 22.53 -6.23 3.36
N VAL D 261 22.57 -4.91 3.54
CA VAL D 261 21.41 -4.16 4.02
C VAL D 261 20.18 -4.31 3.11
N ASP D 262 20.39 -4.15 1.81
CA ASP D 262 19.27 -4.33 0.91
C ASP D 262 18.68 -5.72 0.91
N GLU D 263 19.54 -6.75 0.94
CA GLU D 263 19.02 -8.10 0.89
C GLU D 263 18.18 -8.29 2.11
N ILE D 264 18.71 -7.86 3.23
CA ILE D 264 18.00 -8.08 4.47
C ILE D 264 16.66 -7.40 4.40
N PHE D 265 16.65 -6.18 3.86
CA PHE D 265 15.46 -5.32 3.80
C PHE D 265 14.37 -5.95 2.92
N GLU D 266 14.74 -6.51 1.78
CA GLU D 266 13.75 -7.15 0.90
C GLU D 266 13.13 -8.35 1.57
N VAL D 267 13.95 -9.23 2.14
CA VAL D 267 13.37 -10.37 2.87
C VAL D 267 12.39 -9.91 3.97
N LEU D 268 12.75 -8.86 4.71
CA LEU D 268 11.93 -8.46 5.85
C LEU D 268 10.67 -7.84 5.32
N GLU D 269 10.84 -7.18 4.18
CA GLU D 269 9.76 -6.49 3.50
C GLU D 269 8.64 -7.48 3.13
N GLU D 270 9.02 -8.55 2.43
CA GLU D 270 8.11 -9.63 2.06
C GLU D 270 7.50 -10.16 3.34
N LYS D 271 8.38 -10.46 4.30
CA LYS D 271 7.92 -11.03 5.54
C LYS D 271 6.82 -10.21 6.22
N ILE D 272 6.97 -8.89 6.27
CA ILE D 272 6.01 -8.08 7.03
C ILE D 272 4.62 -7.98 6.39
N LYS D 273 4.52 -8.30 5.10
CA LYS D 273 3.21 -8.20 4.43
C LYS D 273 2.29 -9.39 4.68
N SER D 274 2.88 -10.56 4.88
CA SER D 274 2.14 -11.74 5.30
C SER D 274 1.34 -11.37 6.53
S SO4 E . -23.74 48.63 -41.20
O1 SO4 E . -24.36 49.96 -40.93
O2 SO4 E . -22.49 48.79 -40.44
O3 SO4 E . -24.49 47.52 -40.60
O4 SO4 E . -23.55 48.29 -42.59
S SO4 F . -20.13 34.80 -40.37
O1 SO4 F . -21.21 35.78 -40.50
O2 SO4 F . -18.87 35.41 -39.89
O3 SO4 F . -20.57 33.83 -39.39
O4 SO4 F . -19.80 34.36 -41.71
S SO4 G . -32.72 26.12 -47.26
O1 SO4 G . -33.13 27.44 -47.79
O2 SO4 G . -31.27 26.13 -47.08
O3 SO4 G . -33.52 25.98 -46.03
O4 SO4 G . -33.21 24.93 -48.01
S SO4 H . -5.24 -16.40 -23.02
O1 SO4 H . -5.29 -15.95 -24.43
O2 SO4 H . -4.00 -15.98 -22.40
O3 SO4 H . -6.47 -15.88 -22.44
O4 SO4 H . -5.30 -17.86 -23.05
S SO4 I . -6.71 -2.01 -24.64
O1 SO4 I . -7.69 -0.96 -24.34
O2 SO4 I . -5.38 -1.52 -24.26
O3 SO4 I . -7.06 -3.22 -23.90
O4 SO4 I . -6.73 -2.33 -26.09
S SO4 J . 44.53 -34.80 48.16
O1 SO4 J . 44.88 -33.38 48.36
O2 SO4 J . 45.72 -35.52 47.81
O3 SO4 J . 43.89 -35.25 49.39
O4 SO4 J . 43.57 -34.94 47.07
S SO4 K . 33.82 -26.27 45.14
O1 SO4 K . 33.00 -26.12 43.93
O2 SO4 K . 34.92 -25.30 45.12
O3 SO4 K . 32.96 -26.07 46.30
O4 SO4 K . 34.40 -27.61 45.24
S SO4 L . 27.06 7.26 16.81
O1 SO4 L . 26.10 8.02 16.02
O2 SO4 L . 28.35 7.98 16.78
O3 SO4 L . 26.68 7.12 18.22
O4 SO4 L . 27.26 5.95 16.18
S SO4 M . 3.82 14.81 22.62
O1 SO4 M . 2.71 15.37 21.84
O2 SO4 M . 4.86 15.81 22.92
O3 SO4 M . 3.29 14.32 23.90
O4 SO4 M . 4.42 13.67 21.88
#